data_2L8D
#
_entry.id   2L8D
#
_entity_poly.entity_id   1
_entity_poly.type   'polypeptide(L)'
_entity_poly.pdbx_seq_one_letter_code
;GAMGMPNRKYADGEVVMGRWPGSVLYYEVQVTSYDDASHLYTVKYKDGTELALKESDIRLQSSFKQ
;
_entity_poly.pdbx_strand_id   A
#
# COMPACT_ATOMS: atom_id res chain seq x y z
N GLY A 1 7.88 -7.50 16.84
CA GLY A 1 8.45 -7.12 15.55
C GLY A 1 7.44 -7.29 14.46
N ALA A 2 7.13 -6.22 13.77
CA ALA A 2 6.18 -6.25 12.67
C ALA A 2 6.92 -6.29 11.34
N MET A 3 8.22 -5.98 11.39
CA MET A 3 9.13 -5.96 10.22
C MET A 3 8.89 -4.76 9.32
N GLY A 4 7.68 -4.61 8.86
CA GLY A 4 7.33 -3.48 8.05
C GLY A 4 6.64 -2.45 8.92
N MET A 5 7.42 -1.59 9.55
CA MET A 5 6.85 -0.60 10.45
C MET A 5 7.84 0.58 10.66
N PRO A 6 7.91 1.54 9.70
CA PRO A 6 8.70 2.76 9.89
C PRO A 6 7.95 3.81 10.74
N ASN A 7 6.63 3.66 10.79
CA ASN A 7 5.69 4.56 11.52
C ASN A 7 4.33 4.03 11.23
N ARG A 8 4.11 3.80 9.96
CA ARG A 8 2.96 3.10 9.47
C ARG A 8 3.47 1.73 9.13
N LYS A 9 2.72 0.95 8.42
CA LYS A 9 3.22 -0.33 7.97
C LYS A 9 4.09 -0.10 6.73
N TYR A 10 3.77 0.95 6.00
CA TYR A 10 4.53 1.34 4.81
C TYR A 10 4.97 2.78 4.91
N ALA A 11 5.94 3.13 4.09
CA ALA A 11 6.46 4.47 4.04
C ALA A 11 5.57 5.31 3.12
N ASP A 12 6.03 6.50 2.75
CA ASP A 12 5.29 7.33 1.82
C ASP A 12 6.21 7.74 0.69
N GLY A 13 5.72 7.64 -0.53
CA GLY A 13 6.54 7.85 -1.71
C GLY A 13 7.08 6.52 -2.22
N GLU A 14 6.87 5.49 -1.43
CA GLU A 14 7.37 4.17 -1.65
C GLU A 14 6.54 3.41 -2.69
N VAL A 15 7.19 2.69 -3.59
CA VAL A 15 6.46 1.86 -4.51
C VAL A 15 6.28 0.46 -3.92
N VAL A 16 5.05 0.01 -3.90
CA VAL A 16 4.64 -1.25 -3.32
C VAL A 16 3.69 -1.99 -4.25
N MET A 17 3.18 -3.10 -3.79
CA MET A 17 2.16 -3.82 -4.51
C MET A 17 0.87 -3.64 -3.75
N GLY A 18 -0.18 -3.30 -4.42
CA GLY A 18 -1.42 -3.08 -3.75
C GLY A 18 -2.54 -3.80 -4.45
N ARG A 19 -3.36 -4.42 -3.66
CA ARG A 19 -4.49 -5.19 -4.12
C ARG A 19 -5.59 -4.26 -4.60
N TRP A 20 -6.28 -4.63 -5.64
CA TRP A 20 -7.40 -3.86 -6.10
C TRP A 20 -8.59 -4.25 -5.23
N PRO A 21 -9.24 -3.27 -4.56
CA PRO A 21 -10.33 -3.46 -3.58
C PRO A 21 -11.33 -4.60 -3.87
N GLY A 22 -11.83 -4.66 -5.08
CA GLY A 22 -12.82 -5.67 -5.40
C GLY A 22 -12.23 -6.98 -5.91
N SER A 23 -10.95 -7.00 -6.16
CA SER A 23 -10.28 -8.16 -6.69
C SER A 23 -9.28 -8.71 -5.65
N VAL A 24 -8.60 -9.78 -6.00
CA VAL A 24 -7.52 -10.32 -5.20
C VAL A 24 -6.19 -10.02 -5.88
N LEU A 25 -6.29 -9.35 -7.02
CA LEU A 25 -5.14 -8.98 -7.81
C LEU A 25 -4.36 -7.87 -7.21
N TYR A 26 -3.08 -7.94 -7.37
CA TYR A 26 -2.17 -6.93 -6.91
C TYR A 26 -1.54 -6.24 -8.08
N TYR A 27 -1.55 -4.95 -8.04
CA TYR A 27 -0.95 -4.13 -9.04
C TYR A 27 0.15 -3.32 -8.41
N GLU A 28 0.90 -2.63 -9.21
CA GLU A 28 2.03 -1.89 -8.71
C GLU A 28 1.61 -0.46 -8.47
N VAL A 29 1.83 0.01 -7.26
CA VAL A 29 1.37 1.32 -6.87
C VAL A 29 2.46 2.05 -6.12
N GLN A 30 2.32 3.33 -6.01
CA GLN A 30 3.22 4.10 -5.20
C GLN A 30 2.40 4.81 -4.17
N VAL A 31 2.79 4.70 -2.93
CA VAL A 31 2.07 5.33 -1.85
C VAL A 31 2.27 6.84 -1.87
N THR A 32 1.21 7.58 -1.84
CA THR A 32 1.27 8.98 -1.86
C THR A 32 0.91 9.59 -0.51
N SER A 33 -0.18 9.12 0.09
CA SER A 33 -0.65 9.71 1.34
C SER A 33 -1.24 8.64 2.26
N TYR A 34 -1.69 9.04 3.44
CA TYR A 34 -2.15 8.09 4.44
C TYR A 34 -3.14 8.72 5.42
N ASP A 35 -4.28 8.05 5.57
CA ASP A 35 -5.30 8.39 6.55
C ASP A 35 -4.91 7.65 7.79
N ASP A 36 -4.72 8.34 8.87
CA ASP A 36 -4.21 7.73 10.08
C ASP A 36 -5.32 7.35 11.03
N ALA A 37 -6.50 7.86 10.79
CA ALA A 37 -7.61 7.60 11.65
C ALA A 37 -8.21 6.26 11.35
N SER A 38 -8.51 6.02 10.10
CA SER A 38 -9.12 4.77 9.71
C SER A 38 -8.07 3.83 9.11
N HIS A 39 -6.84 4.31 9.04
CA HIS A 39 -5.69 3.57 8.52
C HIS A 39 -5.91 3.17 7.05
N LEU A 40 -5.87 4.15 6.18
CA LEU A 40 -6.02 3.96 4.73
C LEU A 40 -4.83 4.58 4.05
N TYR A 41 -4.32 3.93 3.07
CA TYR A 41 -3.18 4.45 2.38
C TYR A 41 -3.62 4.90 1.03
N THR A 42 -3.28 6.08 0.67
CA THR A 42 -3.60 6.55 -0.62
C THR A 42 -2.41 6.23 -1.49
N VAL A 43 -2.66 5.60 -2.58
CA VAL A 43 -1.63 5.17 -3.49
C VAL A 43 -2.00 5.61 -4.89
N LYS A 44 -1.04 5.67 -5.74
CA LYS A 44 -1.29 6.03 -7.10
C LYS A 44 -0.86 4.89 -8.02
N TYR A 45 -1.70 4.55 -8.96
CA TYR A 45 -1.45 3.47 -9.89
C TYR A 45 -0.71 3.96 -11.11
N LYS A 46 -0.21 3.00 -11.89
CA LYS A 46 0.49 3.25 -13.15
C LYS A 46 -0.42 3.98 -14.16
N ASP A 47 -1.71 3.84 -13.96
CA ASP A 47 -2.73 4.45 -14.80
C ASP A 47 -2.94 5.92 -14.43
N GLY A 48 -2.20 6.40 -13.45
CA GLY A 48 -2.31 7.79 -13.03
C GLY A 48 -3.31 7.94 -11.91
N THR A 49 -4.36 7.18 -12.00
CA THR A 49 -5.43 7.15 -11.04
C THR A 49 -4.91 6.76 -9.65
N GLU A 50 -5.35 7.47 -8.65
CA GLU A 50 -4.97 7.16 -7.31
C GLU A 50 -6.15 6.58 -6.57
N LEU A 51 -5.88 5.75 -5.61
CA LEU A 51 -6.90 5.05 -4.88
C LEU A 51 -6.53 5.01 -3.41
N ALA A 52 -7.49 4.79 -2.53
CA ALA A 52 -7.19 4.56 -1.16
C ALA A 52 -7.51 3.10 -0.84
N LEU A 53 -6.63 2.46 -0.14
CA LEU A 53 -6.81 1.08 0.25
C LEU A 53 -6.30 0.82 1.66
N LYS A 54 -6.59 -0.33 2.19
CA LYS A 54 -6.14 -0.68 3.53
C LYS A 54 -4.71 -1.18 3.48
N GLU A 55 -4.06 -1.18 4.63
CA GLU A 55 -2.71 -1.74 4.74
C GLU A 55 -2.70 -3.22 4.39
N SER A 56 -3.80 -3.88 4.65
CA SER A 56 -3.98 -5.28 4.37
C SER A 56 -4.07 -5.55 2.86
N ASP A 57 -4.21 -4.50 2.07
CA ASP A 57 -4.26 -4.62 0.64
C ASP A 57 -2.90 -4.37 0.07
N ILE A 58 -2.00 -3.85 0.88
CA ILE A 58 -0.69 -3.50 0.40
C ILE A 58 0.31 -4.54 0.80
N ARG A 59 1.13 -4.91 -0.12
CA ARG A 59 2.23 -5.78 0.15
C ARG A 59 3.50 -5.20 -0.41
N LEU A 60 4.62 -5.77 -0.04
CA LEU A 60 5.93 -5.31 -0.49
C LEU A 60 6.04 -5.41 -2.02
N GLN A 61 6.89 -4.56 -2.62
CA GLN A 61 7.11 -4.53 -4.08
C GLN A 61 7.50 -5.94 -4.55
N SER A 62 8.22 -6.62 -3.69
CA SER A 62 8.52 -7.99 -3.85
C SER A 62 8.47 -8.60 -2.48
N SER A 63 7.85 -9.75 -2.36
CA SER A 63 7.72 -10.40 -1.08
C SER A 63 9.08 -11.02 -0.69
N PHE A 64 10.00 -11.03 -1.64
CA PHE A 64 11.34 -11.48 -1.40
C PHE A 64 12.19 -10.27 -1.07
N LYS A 65 12.36 -10.03 0.21
CA LYS A 65 13.11 -8.90 0.67
C LYS A 65 14.29 -9.39 1.50
N GLN A 66 15.44 -8.85 1.25
CA GLN A 66 16.63 -9.22 1.95
C GLN A 66 17.41 -7.98 2.26
N GLY A 1 -0.07 -14.25 2.28
CA GLY A 1 -0.78 -13.61 3.37
C GLY A 1 0.00 -12.50 3.96
N ALA A 2 -0.64 -11.36 4.14
CA ALA A 2 -0.04 -10.18 4.72
C ALA A 2 -1.12 -9.30 5.28
N MET A 3 -1.14 -9.16 6.58
CA MET A 3 -2.13 -8.35 7.26
C MET A 3 -1.78 -6.88 7.16
N GLY A 4 -0.51 -6.60 7.20
CA GLY A 4 -0.06 -5.24 7.19
C GLY A 4 0.06 -4.77 8.61
N MET A 5 0.44 -3.53 8.80
CA MET A 5 0.61 -3.01 10.13
C MET A 5 -0.04 -1.65 10.23
N PRO A 6 -0.76 -1.38 11.35
CA PRO A 6 -1.28 -0.02 11.64
C PRO A 6 -0.13 0.98 11.75
N ASN A 7 1.02 0.50 12.20
CA ASN A 7 2.25 1.28 12.20
C ASN A 7 2.69 1.38 10.77
N ARG A 8 2.92 2.58 10.31
CA ARG A 8 3.17 2.82 8.92
C ARG A 8 4.52 2.26 8.43
N LYS A 9 4.49 1.03 7.94
CA LYS A 9 5.62 0.37 7.31
C LYS A 9 5.78 0.94 5.93
N TYR A 10 4.66 1.25 5.35
CA TYR A 10 4.61 1.77 4.03
C TYR A 10 4.59 3.28 4.10
N ALA A 11 5.77 3.85 4.24
CA ALA A 11 5.93 5.28 4.37
C ALA A 11 5.71 5.94 3.04
N ASP A 12 5.24 7.18 3.06
CA ASP A 12 4.88 7.91 1.84
C ASP A 12 6.04 8.00 0.86
N GLY A 13 5.79 7.60 -0.36
CA GLY A 13 6.81 7.60 -1.38
C GLY A 13 7.33 6.20 -1.65
N GLU A 14 6.92 5.25 -0.84
CA GLU A 14 7.36 3.90 -0.99
C GLU A 14 6.62 3.24 -2.15
N VAL A 15 7.31 2.47 -2.94
CA VAL A 15 6.63 1.75 -3.97
C VAL A 15 6.31 0.37 -3.43
N VAL A 16 5.06 0.01 -3.53
CA VAL A 16 4.55 -1.21 -2.97
C VAL A 16 3.63 -1.91 -3.97
N MET A 17 3.11 -3.03 -3.60
CA MET A 17 2.10 -3.67 -4.39
C MET A 17 0.80 -3.61 -3.63
N GLY A 18 -0.24 -3.23 -4.26
CA GLY A 18 -1.50 -3.10 -3.56
C GLY A 18 -2.61 -3.82 -4.29
N ARG A 19 -3.57 -4.26 -3.54
CA ARG A 19 -4.68 -5.00 -4.09
C ARG A 19 -5.74 -4.06 -4.60
N TRP A 20 -6.31 -4.40 -5.72
CA TRP A 20 -7.41 -3.65 -6.25
C TRP A 20 -8.68 -4.12 -5.53
N PRO A 21 -9.39 -3.20 -4.84
CA PRO A 21 -10.58 -3.52 -4.03
C PRO A 21 -11.62 -4.32 -4.81
N GLY A 22 -12.01 -5.43 -4.24
CA GLY A 22 -12.98 -6.30 -4.87
C GLY A 22 -12.31 -7.45 -5.56
N SER A 23 -11.18 -7.17 -6.14
CA SER A 23 -10.42 -8.15 -6.86
C SER A 23 -9.34 -8.74 -5.96
N VAL A 24 -8.64 -9.71 -6.47
CA VAL A 24 -7.53 -10.30 -5.74
C VAL A 24 -6.22 -9.91 -6.46
N LEU A 25 -6.34 -8.95 -7.35
CA LEU A 25 -5.23 -8.44 -8.11
C LEU A 25 -4.34 -7.54 -7.30
N TYR A 26 -3.07 -7.60 -7.59
CA TYR A 26 -2.06 -6.81 -6.91
C TYR A 26 -1.22 -6.08 -7.91
N TYR A 27 -1.43 -4.80 -7.99
CA TYR A 27 -0.72 -3.95 -8.89
C TYR A 27 0.40 -3.28 -8.16
N GLU A 28 1.32 -2.74 -8.88
CA GLU A 28 2.43 -2.06 -8.27
C GLU A 28 2.10 -0.58 -8.23
N VAL A 29 2.15 -0.02 -7.07
CA VAL A 29 1.71 1.33 -6.84
C VAL A 29 2.70 2.06 -5.98
N GLN A 30 2.61 3.34 -5.94
CA GLN A 30 3.46 4.06 -5.03
C GLN A 30 2.58 4.70 -4.00
N VAL A 31 2.91 4.52 -2.74
CA VAL A 31 2.12 5.09 -1.70
C VAL A 31 2.29 6.60 -1.69
N THR A 32 1.21 7.27 -1.71
CA THR A 32 1.20 8.69 -1.87
C THR A 32 0.82 9.39 -0.56
N SER A 33 -0.08 8.78 0.20
CA SER A 33 -0.49 9.37 1.44
C SER A 33 -1.04 8.27 2.35
N TYR A 34 -1.35 8.63 3.56
CA TYR A 34 -1.86 7.71 4.54
C TYR A 34 -2.79 8.45 5.47
N ASP A 35 -4.03 8.03 5.49
CA ASP A 35 -5.02 8.56 6.41
C ASP A 35 -4.89 7.70 7.64
N ASP A 36 -4.62 8.30 8.76
CA ASP A 36 -4.33 7.54 9.96
C ASP A 36 -5.54 7.39 10.84
N ALA A 37 -6.57 8.10 10.50
CA ALA A 37 -7.80 8.07 11.26
C ALA A 37 -8.64 6.87 10.86
N SER A 38 -8.83 6.69 9.57
CA SER A 38 -9.63 5.58 9.09
C SER A 38 -8.70 4.44 8.64
N HIS A 39 -7.39 4.69 8.73
CA HIS A 39 -6.33 3.72 8.33
C HIS A 39 -6.45 3.33 6.85
N LEU A 40 -6.27 4.31 5.99
CA LEU A 40 -6.34 4.13 4.54
C LEU A 40 -5.10 4.69 3.90
N TYR A 41 -4.45 3.90 3.10
CA TYR A 41 -3.25 4.30 2.42
C TYR A 41 -3.60 4.73 1.03
N THR A 42 -3.31 5.95 0.71
CA THR A 42 -3.57 6.42 -0.62
C THR A 42 -2.36 6.10 -1.47
N VAL A 43 -2.59 5.52 -2.59
CA VAL A 43 -1.52 5.16 -3.47
C VAL A 43 -1.82 5.70 -4.85
N LYS A 44 -0.80 5.86 -5.63
CA LYS A 44 -0.94 6.28 -7.00
C LYS A 44 -0.64 5.10 -7.91
N TYR A 45 -1.51 4.90 -8.89
CA TYR A 45 -1.36 3.89 -9.90
C TYR A 45 -0.76 4.48 -11.15
N LYS A 46 -0.12 3.64 -11.93
CA LYS A 46 0.44 4.01 -13.24
C LYS A 46 -0.70 4.43 -14.17
N ASP A 47 -1.89 3.93 -13.87
CA ASP A 47 -3.10 4.18 -14.65
C ASP A 47 -3.65 5.58 -14.39
N GLY A 48 -2.98 6.33 -13.52
CA GLY A 48 -3.38 7.71 -13.26
C GLY A 48 -4.36 7.83 -12.11
N THR A 49 -4.97 6.74 -11.79
CA THR A 49 -5.92 6.66 -10.73
C THR A 49 -5.19 6.58 -9.39
N GLU A 50 -5.57 7.41 -8.46
CA GLU A 50 -5.06 7.22 -7.13
C GLU A 50 -6.17 6.57 -6.34
N LEU A 51 -5.80 5.77 -5.40
CA LEU A 51 -6.76 4.99 -4.68
C LEU A 51 -6.39 4.95 -3.23
N ALA A 52 -7.35 4.80 -2.36
CA ALA A 52 -7.03 4.55 -1.01
C ALA A 52 -7.41 3.12 -0.70
N LEU A 53 -6.54 2.43 -0.05
CA LEU A 53 -6.73 1.05 0.33
C LEU A 53 -6.22 0.79 1.72
N LYS A 54 -6.60 -0.30 2.29
CA LYS A 54 -6.17 -0.66 3.63
C LYS A 54 -4.81 -1.33 3.64
N GLU A 55 -4.22 -1.43 4.82
CA GLU A 55 -2.90 -2.03 4.99
C GLU A 55 -2.89 -3.50 4.54
N SER A 56 -4.02 -4.16 4.67
CA SER A 56 -4.16 -5.56 4.28
C SER A 56 -4.23 -5.72 2.76
N ASP A 57 -4.21 -4.62 2.05
CA ASP A 57 -4.19 -4.66 0.62
C ASP A 57 -2.80 -4.44 0.13
N ILE A 58 -1.90 -3.99 0.99
CA ILE A 58 -0.59 -3.64 0.55
C ILE A 58 0.43 -4.69 0.88
N ARG A 59 1.22 -5.00 -0.10
CA ARG A 59 2.33 -5.90 0.00
C ARG A 59 3.57 -5.15 -0.44
N LEU A 60 4.72 -5.72 -0.22
CA LEU A 60 5.95 -5.11 -0.69
C LEU A 60 6.16 -5.46 -2.16
N GLN A 61 7.30 -5.06 -2.73
CA GLN A 61 7.61 -5.30 -4.15
C GLN A 61 7.64 -6.82 -4.49
N SER A 62 7.77 -7.65 -3.44
CA SER A 62 7.81 -9.12 -3.52
C SER A 62 9.12 -9.63 -4.10
N SER A 63 9.57 -9.03 -5.19
CA SER A 63 10.81 -9.35 -5.81
C SER A 63 11.94 -8.49 -5.22
N PHE A 64 11.62 -7.83 -4.10
CA PHE A 64 12.54 -6.97 -3.38
C PHE A 64 13.65 -7.84 -2.82
N LYS A 65 14.80 -7.76 -3.44
CA LYS A 65 15.90 -8.64 -3.11
C LYS A 65 16.62 -8.22 -1.85
N GLN A 66 17.24 -9.17 -1.22
CA GLN A 66 18.06 -8.95 -0.08
C GLN A 66 19.48 -9.38 -0.43
N GLY A 1 4.91 -10.12 10.93
CA GLY A 1 5.95 -9.18 11.30
C GLY A 1 5.68 -8.62 12.66
N ALA A 2 6.73 -8.42 13.44
CA ALA A 2 6.61 -7.89 14.78
C ALA A 2 6.25 -6.42 14.72
N MET A 3 6.94 -5.70 13.87
CA MET A 3 6.66 -4.30 13.68
C MET A 3 5.72 -4.16 12.51
N GLY A 4 4.44 -4.16 12.80
CA GLY A 4 3.46 -4.06 11.77
C GLY A 4 2.90 -2.67 11.66
N MET A 5 2.61 -2.06 12.78
CA MET A 5 2.04 -0.72 12.80
C MET A 5 2.66 0.16 13.87
N PRO A 6 3.76 0.88 13.56
CA PRO A 6 4.30 1.90 14.47
C PRO A 6 3.37 3.11 14.45
N ASN A 7 2.79 3.29 13.28
CA ASN A 7 1.78 4.29 12.92
C ASN A 7 1.61 4.12 11.44
N ARG A 8 2.72 4.25 10.75
CA ARG A 8 2.77 3.97 9.34
C ARG A 8 3.66 2.78 9.13
N LYS A 9 3.19 1.85 8.39
CA LYS A 9 3.99 0.69 8.04
C LYS A 9 4.78 1.02 6.81
N TYR A 10 4.14 1.72 5.94
CA TYR A 10 4.72 2.06 4.69
C TYR A 10 4.79 3.57 4.63
N ALA A 11 5.94 4.07 4.29
CA ALA A 11 6.10 5.50 4.18
C ALA A 11 5.73 5.90 2.78
N ASP A 12 5.25 7.11 2.60
CA ASP A 12 4.78 7.54 1.30
C ASP A 12 5.95 7.80 0.37
N GLY A 13 5.78 7.39 -0.86
CA GLY A 13 6.82 7.49 -1.84
C GLY A 13 7.38 6.12 -2.18
N GLU A 14 7.04 5.12 -1.38
CA GLU A 14 7.52 3.77 -1.59
C GLU A 14 6.72 3.10 -2.71
N VAL A 15 7.34 2.24 -3.47
CA VAL A 15 6.61 1.50 -4.44
C VAL A 15 6.20 0.18 -3.79
N VAL A 16 4.94 -0.12 -3.85
CA VAL A 16 4.41 -1.30 -3.20
C VAL A 16 3.45 -2.03 -4.11
N MET A 17 2.98 -3.15 -3.68
CA MET A 17 1.94 -3.86 -4.37
C MET A 17 0.70 -3.81 -3.54
N GLY A 18 -0.39 -3.50 -4.12
CA GLY A 18 -1.62 -3.42 -3.37
C GLY A 18 -2.72 -4.16 -4.06
N ARG A 19 -3.63 -4.69 -3.29
CA ARG A 19 -4.75 -5.41 -3.83
C ARG A 19 -5.81 -4.45 -4.33
N TRP A 20 -6.35 -4.75 -5.47
CA TRP A 20 -7.41 -3.96 -6.02
C TRP A 20 -8.74 -4.41 -5.38
N PRO A 21 -9.45 -3.48 -4.74
CA PRO A 21 -10.72 -3.75 -4.12
C PRO A 21 -11.79 -4.11 -5.16
N GLY A 22 -12.17 -5.36 -5.17
CA GLY A 22 -13.15 -5.80 -6.12
C GLY A 22 -12.66 -6.96 -6.94
N SER A 23 -11.52 -6.80 -7.57
CA SER A 23 -11.00 -7.83 -8.42
C SER A 23 -10.16 -8.84 -7.63
N VAL A 24 -9.67 -8.39 -6.47
CA VAL A 24 -8.84 -9.19 -5.55
C VAL A 24 -7.43 -9.43 -6.18
N LEU A 25 -7.14 -8.66 -7.22
CA LEU A 25 -5.88 -8.75 -7.90
C LEU A 25 -4.85 -7.87 -7.26
N TYR A 26 -3.61 -8.14 -7.49
CA TYR A 26 -2.54 -7.34 -6.93
C TYR A 26 -1.83 -6.55 -8.00
N TYR A 27 -1.70 -5.28 -7.75
CA TYR A 27 -1.10 -4.36 -8.69
C TYR A 27 0.07 -3.65 -8.06
N GLU A 28 0.96 -3.18 -8.87
CA GLU A 28 2.10 -2.44 -8.41
C GLU A 28 1.71 -0.97 -8.38
N VAL A 29 1.86 -0.35 -7.25
CA VAL A 29 1.44 1.00 -7.02
C VAL A 29 2.51 1.77 -6.29
N GLN A 30 2.36 3.06 -6.21
CA GLN A 30 3.26 3.84 -5.42
C GLN A 30 2.43 4.42 -4.30
N VAL A 31 2.87 4.29 -3.09
CA VAL A 31 2.13 4.86 -1.99
C VAL A 31 2.27 6.38 -2.03
N THR A 32 1.18 7.08 -1.98
CA THR A 32 1.23 8.51 -2.11
C THR A 32 0.94 9.21 -0.78
N SER A 33 0.10 8.61 0.06
CA SER A 33 -0.18 9.17 1.37
C SER A 33 -0.86 8.12 2.25
N TYR A 34 -1.22 8.51 3.43
CA TYR A 34 -1.84 7.64 4.40
C TYR A 34 -2.78 8.44 5.27
N ASP A 35 -3.97 7.93 5.45
CA ASP A 35 -4.91 8.51 6.38
C ASP A 35 -4.81 7.72 7.65
N ASP A 36 -4.49 8.37 8.73
CA ASP A 36 -4.23 7.70 10.00
C ASP A 36 -5.49 7.48 10.78
N ALA A 37 -6.50 8.24 10.50
CA ALA A 37 -7.75 8.12 11.21
C ALA A 37 -8.45 6.81 10.84
N SER A 38 -8.56 6.55 9.56
CA SER A 38 -9.22 5.35 9.12
C SER A 38 -8.22 4.23 8.81
N HIS A 39 -6.92 4.55 8.94
CA HIS A 39 -5.82 3.60 8.65
C HIS A 39 -5.87 3.14 7.18
N LEU A 40 -6.06 4.09 6.30
CA LEU A 40 -6.16 3.84 4.85
C LEU A 40 -4.94 4.39 4.17
N TYR A 41 -4.35 3.65 3.28
CA TYR A 41 -3.21 4.11 2.56
C TYR A 41 -3.64 4.51 1.20
N THR A 42 -3.31 5.69 0.82
CA THR A 42 -3.64 6.12 -0.47
C THR A 42 -2.45 5.81 -1.37
N VAL A 43 -2.73 5.17 -2.44
CA VAL A 43 -1.73 4.76 -3.37
C VAL A 43 -2.09 5.30 -4.73
N LYS A 44 -1.13 5.36 -5.56
CA LYS A 44 -1.30 5.87 -6.87
C LYS A 44 -0.91 4.79 -7.86
N TYR A 45 -1.71 4.63 -8.87
CA TYR A 45 -1.43 3.69 -9.91
C TYR A 45 -0.64 4.33 -11.00
N LYS A 46 -0.04 3.50 -11.80
CA LYS A 46 0.79 3.92 -12.91
C LYS A 46 -0.03 4.72 -13.92
N ASP A 47 -1.32 4.49 -13.92
CA ASP A 47 -2.26 5.19 -14.81
C ASP A 47 -2.65 6.55 -14.25
N GLY A 48 -2.11 6.91 -13.09
CA GLY A 48 -2.37 8.21 -12.50
C GLY A 48 -3.43 8.15 -11.44
N THR A 49 -4.36 7.24 -11.63
CA THR A 49 -5.47 7.00 -10.75
C THR A 49 -4.99 6.70 -9.32
N GLU A 50 -5.55 7.36 -8.34
CA GLU A 50 -5.21 7.04 -6.97
C GLU A 50 -6.32 6.28 -6.30
N LEU A 51 -5.95 5.46 -5.36
CA LEU A 51 -6.88 4.60 -4.67
C LEU A 51 -6.51 4.56 -3.20
N ALA A 52 -7.46 4.32 -2.35
CA ALA A 52 -7.18 4.10 -0.96
C ALA A 52 -7.43 2.64 -0.66
N LEU A 53 -6.54 2.03 0.03
CA LEU A 53 -6.66 0.63 0.42
C LEU A 53 -6.13 0.41 1.83
N LYS A 54 -6.30 -0.79 2.33
CA LYS A 54 -5.84 -1.10 3.67
C LYS A 54 -4.36 -1.46 3.65
N GLU A 55 -3.70 -1.31 4.79
CA GLU A 55 -2.32 -1.75 4.95
C GLU A 55 -2.20 -3.25 4.72
N SER A 56 -3.25 -3.97 5.06
CA SER A 56 -3.30 -5.40 4.91
C SER A 56 -3.45 -5.78 3.43
N ASP A 57 -3.75 -4.80 2.59
CA ASP A 57 -3.87 -5.05 1.17
C ASP A 57 -2.58 -4.72 0.49
N ILE A 58 -1.65 -4.18 1.26
CA ILE A 58 -0.39 -3.77 0.71
C ILE A 58 0.69 -4.74 1.02
N ARG A 59 1.43 -5.05 0.01
CA ARG A 59 2.61 -5.86 0.09
C ARG A 59 3.72 -5.02 -0.51
N LEU A 60 4.96 -5.34 -0.27
CA LEU A 60 6.04 -4.56 -0.85
C LEU A 60 6.23 -4.95 -2.31
N GLN A 61 6.95 -4.11 -3.08
CA GLN A 61 7.18 -4.36 -4.51
C GLN A 61 7.94 -5.69 -4.64
N SER A 62 8.81 -5.90 -3.70
CA SER A 62 9.42 -7.15 -3.48
C SER A 62 8.84 -7.58 -2.16
N SER A 63 7.80 -8.39 -2.23
CA SER A 63 6.97 -8.73 -1.10
C SER A 63 7.70 -9.49 0.02
N PHE A 64 8.83 -10.08 -0.30
CA PHE A 64 9.60 -10.77 0.72
C PHE A 64 10.59 -9.81 1.33
N LYS A 65 10.22 -9.25 2.47
CA LYS A 65 11.03 -8.24 3.12
C LYS A 65 12.15 -8.84 3.92
N GLN A 66 13.32 -8.64 3.44
CA GLN A 66 14.49 -9.10 4.07
C GLN A 66 15.36 -7.89 4.33
N GLY A 1 20.19 -4.80 13.46
CA GLY A 1 19.11 -4.65 12.49
C GLY A 1 17.93 -3.94 13.09
N ALA A 2 17.14 -3.32 12.26
CA ALA A 2 15.97 -2.58 12.72
C ALA A 2 14.73 -3.44 12.54
N MET A 3 13.61 -2.91 12.91
CA MET A 3 12.36 -3.62 12.75
C MET A 3 11.78 -3.31 11.39
N GLY A 4 11.44 -4.35 10.63
CA GLY A 4 10.91 -4.20 9.28
C GLY A 4 9.68 -3.31 9.22
N MET A 5 8.84 -3.46 10.19
CA MET A 5 7.68 -2.63 10.34
C MET A 5 7.59 -2.13 11.78
N PRO A 6 8.15 -0.94 12.05
CA PRO A 6 8.16 -0.33 13.39
C PRO A 6 6.74 -0.07 13.90
N ASN A 7 5.95 0.50 13.05
CA ASN A 7 4.54 0.79 13.32
C ASN A 7 3.84 0.54 12.02
N ARG A 8 4.32 1.22 11.02
CA ARG A 8 3.88 1.03 9.68
C ARG A 8 5.12 0.79 8.86
N LYS A 9 5.00 0.09 7.77
CA LYS A 9 6.13 -0.14 6.93
C LYS A 9 6.09 0.87 5.78
N TYR A 10 4.90 1.07 5.27
CA TYR A 10 4.72 1.83 4.07
C TYR A 10 4.66 3.32 4.36
N ALA A 11 5.78 3.95 4.22
CA ALA A 11 5.89 5.35 4.41
C ALA A 11 5.57 6.05 3.11
N ASP A 12 5.05 7.25 3.21
CA ASP A 12 4.64 8.02 2.04
C ASP A 12 5.80 8.29 1.09
N GLY A 13 5.65 7.84 -0.15
CA GLY A 13 6.67 7.98 -1.15
C GLY A 13 7.23 6.65 -1.61
N GLU A 14 6.94 5.59 -0.86
CA GLU A 14 7.47 4.28 -1.18
C GLU A 14 6.72 3.63 -2.34
N VAL A 15 7.45 2.96 -3.21
CA VAL A 15 6.78 2.22 -4.24
C VAL A 15 6.39 0.87 -3.63
N VAL A 16 5.14 0.53 -3.76
CA VAL A 16 4.59 -0.64 -3.12
C VAL A 16 3.74 -1.43 -4.08
N MET A 17 3.29 -2.56 -3.67
CA MET A 17 2.37 -3.30 -4.42
C MET A 17 1.04 -3.30 -3.66
N GLY A 18 -0.03 -3.01 -4.33
CA GLY A 18 -1.29 -2.97 -3.67
C GLY A 18 -2.33 -3.73 -4.42
N ARG A 19 -3.27 -4.25 -3.70
CA ARG A 19 -4.36 -5.02 -4.25
C ARG A 19 -5.50 -4.08 -4.58
N TRP A 20 -6.24 -4.38 -5.62
CA TRP A 20 -7.40 -3.60 -5.92
C TRP A 20 -8.53 -4.13 -5.03
N PRO A 21 -9.14 -3.26 -4.22
CA PRO A 21 -10.18 -3.65 -3.26
C PRO A 21 -11.35 -4.37 -3.92
N GLY A 22 -11.58 -5.58 -3.49
CA GLY A 22 -12.63 -6.39 -4.02
C GLY A 22 -12.09 -7.49 -4.90
N SER A 23 -10.89 -7.29 -5.38
CA SER A 23 -10.27 -8.21 -6.29
C SER A 23 -9.07 -8.91 -5.62
N VAL A 24 -8.44 -9.83 -6.34
CA VAL A 24 -7.26 -10.53 -5.82
C VAL A 24 -6.00 -10.03 -6.51
N LEU A 25 -6.17 -9.20 -7.52
CA LEU A 25 -5.07 -8.69 -8.27
C LEU A 25 -4.28 -7.59 -7.57
N TYR A 26 -2.98 -7.67 -7.70
CA TYR A 26 -2.02 -6.75 -7.12
C TYR A 26 -1.25 -6.07 -8.21
N TYR A 27 -0.97 -4.82 -8.03
CA TYR A 27 -0.19 -4.05 -8.97
C TYR A 27 0.83 -3.24 -8.22
N GLU A 28 1.80 -2.74 -8.92
CA GLU A 28 2.81 -1.93 -8.31
C GLU A 28 2.43 -0.48 -8.47
N VAL A 29 2.35 0.19 -7.36
CA VAL A 29 1.86 1.55 -7.26
C VAL A 29 2.76 2.35 -6.38
N GLN A 30 2.53 3.62 -6.29
CA GLN A 30 3.33 4.41 -5.37
C GLN A 30 2.44 4.94 -4.30
N VAL A 31 2.85 4.79 -3.05
CA VAL A 31 2.04 5.26 -1.97
C VAL A 31 2.08 6.79 -1.96
N THR A 32 0.93 7.36 -1.96
CA THR A 32 0.80 8.76 -2.11
C THR A 32 0.51 9.42 -0.77
N SER A 33 -0.39 8.82 0.00
CA SER A 33 -0.75 9.38 1.28
C SER A 33 -1.33 8.29 2.17
N TYR A 34 -1.57 8.62 3.40
CA TYR A 34 -2.12 7.70 4.37
C TYR A 34 -2.92 8.47 5.38
N ASP A 35 -4.16 8.07 5.57
CA ASP A 35 -4.95 8.62 6.63
C ASP A 35 -4.86 7.65 7.77
N ASP A 36 -4.41 8.11 8.89
CA ASP A 36 -4.17 7.23 10.01
C ASP A 36 -5.43 6.99 10.81
N ALA A 37 -6.34 7.94 10.81
CA ALA A 37 -7.53 7.84 11.64
C ALA A 37 -8.48 6.79 11.09
N SER A 38 -8.75 6.86 9.81
CA SER A 38 -9.67 5.92 9.21
C SER A 38 -8.91 4.73 8.60
N HIS A 39 -7.58 4.79 8.70
CA HIS A 39 -6.66 3.73 8.26
C HIS A 39 -6.82 3.44 6.74
N LEU A 40 -6.49 4.44 5.94
CA LEU A 40 -6.55 4.32 4.48
C LEU A 40 -5.25 4.76 3.83
N TYR A 41 -4.69 3.89 3.02
CA TYR A 41 -3.51 4.19 2.27
C TYR A 41 -3.92 4.59 0.88
N THR A 42 -3.61 5.79 0.51
CA THR A 42 -3.89 6.23 -0.81
C THR A 42 -2.65 6.00 -1.67
N VAL A 43 -2.84 5.38 -2.79
CA VAL A 43 -1.76 5.09 -3.69
C VAL A 43 -2.10 5.62 -5.06
N LYS A 44 -1.11 5.81 -5.87
CA LYS A 44 -1.30 6.24 -7.21
C LYS A 44 -0.96 5.10 -8.16
N TYR A 45 -1.84 4.89 -9.12
CA TYR A 45 -1.66 3.94 -10.18
C TYR A 45 -1.04 4.58 -11.38
N LYS A 46 -0.52 3.76 -12.26
CA LYS A 46 0.17 4.19 -13.46
C LYS A 46 -0.77 4.95 -14.40
N ASP A 47 -2.07 4.70 -14.29
CA ASP A 47 -3.07 5.41 -15.10
C ASP A 47 -3.36 6.80 -14.56
N GLY A 48 -2.68 7.15 -13.47
CA GLY A 48 -2.86 8.46 -12.87
C GLY A 48 -4.00 8.45 -11.87
N THR A 49 -4.65 7.33 -11.77
CA THR A 49 -5.75 7.17 -10.86
C THR A 49 -5.22 6.92 -9.45
N GLU A 50 -5.72 7.65 -8.47
CA GLU A 50 -5.38 7.33 -7.11
C GLU A 50 -6.39 6.36 -6.59
N LEU A 51 -6.00 5.57 -5.67
CA LEU A 51 -6.87 4.60 -5.08
C LEU A 51 -6.61 4.59 -3.59
N ALA A 52 -7.63 4.39 -2.81
CA ALA A 52 -7.43 4.24 -1.42
C ALA A 52 -7.71 2.80 -1.09
N LEU A 53 -6.86 2.23 -0.33
CA LEU A 53 -6.99 0.87 0.06
C LEU A 53 -6.56 0.69 1.51
N LYS A 54 -6.77 -0.47 2.05
CA LYS A 54 -6.38 -0.73 3.41
C LYS A 54 -4.91 -1.11 3.47
N GLU A 55 -4.34 -1.11 4.66
CA GLU A 55 -2.95 -1.53 4.86
C GLU A 55 -2.75 -2.96 4.40
N SER A 56 -3.79 -3.75 4.57
CA SER A 56 -3.75 -5.14 4.27
C SER A 56 -3.85 -5.39 2.77
N ASP A 57 -4.09 -4.32 2.02
CA ASP A 57 -4.11 -4.41 0.59
C ASP A 57 -2.72 -4.19 0.05
N ILE A 58 -1.85 -3.59 0.86
CA ILE A 58 -0.53 -3.31 0.36
C ILE A 58 0.46 -4.33 0.86
N ARG A 59 1.22 -4.83 -0.05
CA ARG A 59 2.33 -5.72 0.20
C ARG A 59 3.51 -5.29 -0.63
N LEU A 60 4.69 -5.66 -0.27
CA LEU A 60 5.79 -5.48 -1.17
C LEU A 60 5.78 -6.67 -2.10
N GLN A 61 6.61 -6.67 -3.11
CA GLN A 61 6.62 -7.76 -4.08
C GLN A 61 6.94 -9.11 -3.43
N SER A 62 7.75 -9.09 -2.38
CA SER A 62 8.13 -10.31 -1.72
C SER A 62 7.62 -10.34 -0.26
N SER A 63 6.58 -9.58 0.05
CA SER A 63 6.02 -9.62 1.40
C SER A 63 5.15 -10.85 1.60
N PHE A 64 5.34 -11.49 2.73
CA PHE A 64 4.60 -12.66 3.11
C PHE A 64 4.55 -12.72 4.64
N LYS A 65 3.71 -13.56 5.16
CA LYS A 65 3.65 -13.82 6.57
C LYS A 65 3.84 -15.31 6.76
N GLN A 66 5.11 -15.70 6.79
CA GLN A 66 5.59 -17.06 6.90
C GLN A 66 5.10 -17.90 5.71
N GLY A 1 8.74 -11.66 5.91
CA GLY A 1 8.72 -11.14 7.26
C GLY A 1 7.85 -9.92 7.35
N ALA A 2 7.17 -9.77 8.46
CA ALA A 2 6.29 -8.64 8.66
C ALA A 2 6.50 -8.09 10.07
N MET A 3 7.66 -8.36 10.63
CA MET A 3 8.02 -7.91 11.96
C MET A 3 8.24 -6.40 12.00
N GLY A 4 8.51 -5.88 13.19
CA GLY A 4 8.62 -4.47 13.37
C GLY A 4 7.25 -3.90 13.34
N MET A 5 6.94 -3.20 12.27
CA MET A 5 5.61 -2.65 12.00
C MET A 5 5.20 -1.58 13.03
N PRO A 6 5.39 -0.31 12.68
CA PRO A 6 4.91 0.79 13.47
C PRO A 6 3.49 1.16 13.02
N ASN A 7 3.03 2.36 13.30
CA ASN A 7 1.70 2.79 12.84
C ASN A 7 1.77 3.41 11.46
N ARG A 8 2.80 3.05 10.75
CA ARG A 8 3.01 3.40 9.39
C ARG A 8 3.94 2.33 8.82
N LYS A 9 3.35 1.24 8.40
CA LYS A 9 4.09 0.12 7.84
C LYS A 9 4.68 0.50 6.48
N TYR A 10 4.03 1.38 5.79
CA TYR A 10 4.50 1.82 4.51
C TYR A 10 4.71 3.30 4.54
N ALA A 11 5.94 3.71 4.38
CA ALA A 11 6.27 5.11 4.33
C ALA A 11 5.76 5.66 3.01
N ASP A 12 5.39 6.92 2.97
CA ASP A 12 4.81 7.47 1.75
C ASP A 12 5.88 7.75 0.72
N GLY A 13 5.52 7.58 -0.53
CA GLY A 13 6.43 7.76 -1.63
C GLY A 13 7.01 6.43 -2.08
N GLU A 14 6.74 5.40 -1.30
CA GLU A 14 7.24 4.08 -1.56
C GLU A 14 6.43 3.39 -2.65
N VAL A 15 7.09 2.62 -3.49
CA VAL A 15 6.37 1.85 -4.44
C VAL A 15 6.16 0.44 -3.86
N VAL A 16 4.93 0.02 -3.84
CA VAL A 16 4.52 -1.23 -3.24
C VAL A 16 3.57 -1.96 -4.16
N MET A 17 3.07 -3.09 -3.73
CA MET A 17 2.05 -3.77 -4.46
C MET A 17 0.77 -3.72 -3.66
N GLY A 18 -0.28 -3.36 -4.28
CA GLY A 18 -1.53 -3.25 -3.61
C GLY A 18 -2.57 -4.05 -4.32
N ARG A 19 -3.44 -4.64 -3.58
CA ARG A 19 -4.52 -5.42 -4.14
C ARG A 19 -5.57 -4.49 -4.69
N TRP A 20 -6.15 -4.84 -5.82
CA TRP A 20 -7.22 -4.08 -6.35
C TRP A 20 -8.49 -4.47 -5.59
N PRO A 21 -9.16 -3.52 -4.93
CA PRO A 21 -10.36 -3.78 -4.15
C PRO A 21 -11.53 -4.23 -5.04
N GLY A 22 -11.67 -5.52 -5.15
CA GLY A 22 -12.71 -6.11 -5.93
C GLY A 22 -12.28 -7.46 -6.39
N SER A 23 -11.05 -7.55 -6.84
CA SER A 23 -10.49 -8.78 -7.29
C SER A 23 -9.41 -9.24 -6.30
N VAL A 24 -8.67 -10.26 -6.62
CA VAL A 24 -7.57 -10.69 -5.77
C VAL A 24 -6.24 -10.27 -6.42
N LEU A 25 -6.35 -9.49 -7.47
CA LEU A 25 -5.21 -9.09 -8.23
C LEU A 25 -4.38 -8.05 -7.53
N TYR A 26 -3.09 -8.16 -7.69
CA TYR A 26 -2.16 -7.24 -7.10
C TYR A 26 -1.50 -6.43 -8.16
N TYR A 27 -1.44 -5.16 -7.94
CA TYR A 27 -0.87 -4.23 -8.86
C TYR A 27 0.21 -3.46 -8.19
N GLU A 28 1.14 -2.98 -8.96
CA GLU A 28 2.19 -2.17 -8.43
C GLU A 28 1.70 -0.75 -8.34
N VAL A 29 1.80 -0.18 -7.18
CA VAL A 29 1.29 1.13 -6.90
C VAL A 29 2.32 1.90 -6.12
N GLN A 30 2.18 3.18 -6.07
CA GLN A 30 3.07 3.93 -5.24
C GLN A 30 2.25 4.63 -4.21
N VAL A 31 2.64 4.51 -2.97
CA VAL A 31 1.93 5.15 -1.89
C VAL A 31 2.19 6.64 -1.95
N THR A 32 1.17 7.42 -1.89
CA THR A 32 1.36 8.83 -2.02
C THR A 32 0.87 9.56 -0.76
N SER A 33 -0.12 9.01 -0.08
CA SER A 33 -0.63 9.64 1.13
C SER A 33 -1.01 8.57 2.14
N TYR A 34 -1.06 8.92 3.39
CA TYR A 34 -1.45 8.00 4.44
C TYR A 34 -2.33 8.68 5.45
N ASP A 35 -3.52 8.16 5.64
CA ASP A 35 -4.41 8.65 6.65
C ASP A 35 -4.32 7.75 7.86
N ASP A 36 -3.99 8.33 8.98
CA ASP A 36 -3.83 7.58 10.23
C ASP A 36 -5.16 7.36 10.90
N ALA A 37 -6.14 8.19 10.55
CA ALA A 37 -7.45 8.12 11.16
C ALA A 37 -8.18 6.85 10.74
N SER A 38 -8.24 6.62 9.44
CA SER A 38 -8.94 5.44 8.95
C SER A 38 -7.96 4.31 8.69
N HIS A 39 -6.67 4.61 8.91
CA HIS A 39 -5.55 3.69 8.68
C HIS A 39 -5.55 3.28 7.18
N LEU A 40 -5.71 4.27 6.34
CA LEU A 40 -5.83 4.06 4.90
C LEU A 40 -4.65 4.65 4.20
N TYR A 41 -4.20 3.98 3.19
CA TYR A 41 -3.09 4.45 2.42
C TYR A 41 -3.60 4.83 1.07
N THR A 42 -3.29 6.01 0.64
CA THR A 42 -3.65 6.41 -0.66
C THR A 42 -2.48 6.09 -1.55
N VAL A 43 -2.76 5.42 -2.62
CA VAL A 43 -1.77 4.99 -3.53
C VAL A 43 -2.11 5.50 -4.90
N LYS A 44 -1.14 5.56 -5.75
CA LYS A 44 -1.31 6.05 -7.07
C LYS A 44 -0.92 4.96 -8.06
N TYR A 45 -1.76 4.78 -9.04
CA TYR A 45 -1.52 3.85 -10.11
C TYR A 45 -0.85 4.55 -11.26
N LYS A 46 -0.27 3.77 -12.13
CA LYS A 46 0.42 4.27 -13.31
C LYS A 46 -0.53 5.04 -14.25
N ASP A 47 -1.82 4.76 -14.11
CA ASP A 47 -2.84 5.40 -14.92
C ASP A 47 -3.17 6.80 -14.40
N GLY A 48 -2.49 7.20 -13.32
CA GLY A 48 -2.71 8.51 -12.72
C GLY A 48 -3.84 8.50 -11.72
N THR A 49 -4.43 7.35 -11.58
CA THR A 49 -5.53 7.13 -10.67
C THR A 49 -5.01 6.95 -9.23
N GLU A 50 -5.67 7.59 -8.27
CA GLU A 50 -5.35 7.31 -6.88
C GLU A 50 -6.39 6.39 -6.34
N LEU A 51 -6.02 5.61 -5.40
CA LEU A 51 -6.90 4.70 -4.73
C LEU A 51 -6.58 4.75 -3.27
N ALA A 52 -7.55 4.62 -2.40
CA ALA A 52 -7.24 4.48 -1.01
C ALA A 52 -7.56 3.07 -0.60
N LEU A 53 -6.67 2.45 0.09
CA LEU A 53 -6.85 1.10 0.55
C LEU A 53 -6.31 0.88 1.94
N LYS A 54 -6.67 -0.23 2.51
CA LYS A 54 -6.19 -0.59 3.82
C LYS A 54 -4.82 -1.25 3.72
N GLU A 55 -4.05 -1.22 4.80
CA GLU A 55 -2.74 -1.91 4.83
C GLU A 55 -2.86 -3.42 4.60
N SER A 56 -4.02 -3.95 4.93
CA SER A 56 -4.34 -5.36 4.75
C SER A 56 -4.50 -5.71 3.26
N ASP A 57 -4.46 -4.70 2.41
CA ASP A 57 -4.53 -4.91 0.99
C ASP A 57 -3.21 -4.53 0.33
N ILE A 58 -2.20 -4.23 1.15
CA ILE A 58 -0.92 -3.78 0.61
C ILE A 58 0.20 -4.72 0.97
N ARG A 59 1.01 -5.02 0.00
CA ARG A 59 2.25 -5.76 0.21
C ARG A 59 3.39 -4.99 -0.44
N LEU A 60 4.60 -5.35 -0.14
CA LEU A 60 5.73 -4.69 -0.78
C LEU A 60 5.97 -5.35 -2.13
N GLN A 61 6.97 -4.87 -2.88
CA GLN A 61 7.36 -5.56 -4.11
C GLN A 61 7.81 -6.98 -3.79
N SER A 62 8.34 -7.15 -2.57
CA SER A 62 8.63 -8.44 -1.94
C SER A 62 9.62 -9.27 -2.75
N SER A 63 10.41 -8.61 -3.55
CA SER A 63 11.37 -9.27 -4.36
C SER A 63 12.70 -9.27 -3.63
N PHE A 64 13.63 -10.12 -4.06
CA PHE A 64 14.95 -10.10 -3.48
C PHE A 64 15.67 -8.82 -3.84
N LYS A 65 15.97 -8.05 -2.82
CA LYS A 65 16.53 -6.72 -2.96
C LYS A 65 17.95 -6.73 -3.48
N GLN A 66 18.42 -5.59 -3.88
CA GLN A 66 19.74 -5.40 -4.37
C GLN A 66 20.17 -4.00 -3.97
N GLY A 1 4.81 -12.44 19.64
CA GLY A 1 3.68 -11.53 19.67
C GLY A 1 4.10 -10.16 19.23
N ALA A 2 3.18 -9.43 18.63
CA ALA A 2 3.47 -8.08 18.17
C ALA A 2 2.43 -7.12 18.72
N MET A 3 2.83 -6.37 19.71
CA MET A 3 1.96 -5.40 20.32
C MET A 3 2.66 -4.04 20.22
N GLY A 4 2.10 -3.16 19.44
CA GLY A 4 2.65 -1.85 19.29
C GLY A 4 1.90 -1.06 18.27
N MET A 5 2.36 0.12 18.00
CA MET A 5 1.74 0.96 17.00
C MET A 5 2.75 1.27 15.91
N PRO A 6 2.66 0.57 14.77
CA PRO A 6 3.62 0.75 13.67
C PRO A 6 3.42 2.07 12.91
N ASN A 7 2.24 2.66 13.13
CA ASN A 7 1.78 3.88 12.44
C ASN A 7 1.71 3.62 10.93
N ARG A 8 2.78 3.87 10.24
CA ARG A 8 2.84 3.62 8.84
C ARG A 8 3.80 2.49 8.59
N LYS A 9 3.26 1.36 8.24
CA LYS A 9 4.02 0.16 7.95
C LYS A 9 4.84 0.40 6.69
N TYR A 10 4.23 1.12 5.79
CA TYR A 10 4.84 1.48 4.54
C TYR A 10 5.01 2.98 4.58
N ALA A 11 6.22 3.45 4.32
CA ALA A 11 6.49 4.87 4.35
C ALA A 11 5.93 5.51 3.09
N ASP A 12 5.54 6.76 3.18
CA ASP A 12 4.91 7.45 2.05
C ASP A 12 5.92 7.81 0.98
N GLY A 13 5.58 7.50 -0.26
CA GLY A 13 6.46 7.73 -1.39
C GLY A 13 7.05 6.43 -1.92
N GLU A 14 6.88 5.36 -1.16
CA GLU A 14 7.48 4.08 -1.49
C GLU A 14 6.70 3.38 -2.60
N VAL A 15 7.36 2.55 -3.38
CA VAL A 15 6.64 1.79 -4.37
C VAL A 15 6.30 0.42 -3.76
N VAL A 16 5.04 0.08 -3.83
CA VAL A 16 4.53 -1.12 -3.23
C VAL A 16 3.60 -1.86 -4.18
N MET A 17 3.10 -2.99 -3.77
CA MET A 17 2.12 -3.71 -4.54
C MET A 17 0.81 -3.63 -3.76
N GLY A 18 -0.25 -3.29 -4.41
CA GLY A 18 -1.51 -3.15 -3.71
C GLY A 18 -2.63 -3.83 -4.46
N ARG A 19 -3.59 -4.31 -3.74
CA ARG A 19 -4.72 -5.02 -4.30
C ARG A 19 -5.79 -4.06 -4.81
N TRP A 20 -6.29 -4.32 -5.99
CA TRP A 20 -7.39 -3.52 -6.52
C TRP A 20 -8.70 -4.07 -5.96
N PRO A 21 -9.50 -3.22 -5.26
CA PRO A 21 -10.78 -3.63 -4.66
C PRO A 21 -11.75 -4.13 -5.72
N GLY A 22 -12.24 -5.32 -5.53
CA GLY A 22 -13.11 -5.95 -6.49
C GLY A 22 -12.37 -7.06 -7.20
N SER A 23 -11.08 -6.92 -7.23
CA SER A 23 -10.21 -7.89 -7.82
C SER A 23 -9.38 -8.54 -6.71
N VAL A 24 -8.67 -9.58 -7.01
CA VAL A 24 -7.81 -10.22 -6.04
C VAL A 24 -6.35 -10.01 -6.47
N LEU A 25 -6.19 -9.23 -7.50
CA LEU A 25 -4.89 -8.94 -8.06
C LEU A 25 -4.23 -7.75 -7.44
N TYR A 26 -2.93 -7.86 -7.32
CA TYR A 26 -2.09 -6.83 -6.77
C TYR A 26 -1.27 -6.24 -7.88
N TYR A 27 -1.29 -4.95 -7.99
CA TYR A 27 -0.57 -4.27 -9.02
C TYR A 27 0.45 -3.37 -8.39
N GLU A 28 1.30 -2.78 -9.18
CA GLU A 28 2.33 -1.92 -8.67
C GLU A 28 1.81 -0.53 -8.48
N VAL A 29 1.96 -0.02 -7.31
CA VAL A 29 1.49 1.28 -6.96
C VAL A 29 2.54 2.03 -6.18
N GLN A 30 2.39 3.31 -6.07
CA GLN A 30 3.26 4.09 -5.24
C GLN A 30 2.41 4.61 -4.12
N VAL A 31 2.84 4.46 -2.92
CA VAL A 31 2.09 5.00 -1.83
C VAL A 31 2.26 6.52 -1.87
N THR A 32 1.18 7.23 -1.84
CA THR A 32 1.27 8.65 -2.01
C THR A 32 0.76 9.42 -0.80
N SER A 33 -0.17 8.84 -0.07
CA SER A 33 -0.71 9.50 1.10
C SER A 33 -1.17 8.47 2.11
N TYR A 34 -1.48 8.90 3.30
CA TYR A 34 -1.94 8.04 4.36
C TYR A 34 -2.88 8.80 5.25
N ASP A 35 -4.04 8.23 5.50
CA ASP A 35 -4.96 8.81 6.46
C ASP A 35 -4.78 8.09 7.77
N ASP A 36 -4.48 8.84 8.78
CA ASP A 36 -4.17 8.30 10.10
C ASP A 36 -5.42 7.75 10.77
N ALA A 37 -6.50 8.46 10.63
CA ALA A 37 -7.76 8.12 11.28
C ALA A 37 -8.31 6.77 10.83
N SER A 38 -8.38 6.56 9.53
CA SER A 38 -8.92 5.30 9.03
C SER A 38 -7.82 4.28 8.79
N HIS A 39 -6.57 4.70 9.03
CA HIS A 39 -5.38 3.86 8.79
C HIS A 39 -5.35 3.44 7.32
N LEU A 40 -5.66 4.38 6.47
CA LEU A 40 -5.81 4.09 5.06
C LEU A 40 -4.63 4.60 4.30
N TYR A 41 -4.11 3.79 3.43
CA TYR A 41 -2.97 4.14 2.66
C TYR A 41 -3.44 4.48 1.29
N THR A 42 -3.17 5.67 0.87
CA THR A 42 -3.55 6.07 -0.42
C THR A 42 -2.39 5.81 -1.35
N VAL A 43 -2.65 5.15 -2.42
CA VAL A 43 -1.66 4.78 -3.34
C VAL A 43 -2.02 5.34 -4.70
N LYS A 44 -1.05 5.44 -5.52
CA LYS A 44 -1.18 5.99 -6.82
C LYS A 44 -0.93 4.87 -7.81
N TYR A 45 -1.78 4.74 -8.79
CA TYR A 45 -1.57 3.79 -9.83
C TYR A 45 -0.97 4.45 -11.02
N LYS A 46 -0.20 3.69 -11.76
CA LYS A 46 0.37 4.12 -13.03
C LYS A 46 -0.77 4.44 -14.03
N ASP A 47 -1.94 3.93 -13.71
CA ASP A 47 -3.17 4.12 -14.48
C ASP A 47 -3.71 5.56 -14.26
N GLY A 48 -3.02 6.32 -13.42
CA GLY A 48 -3.42 7.68 -13.15
C GLY A 48 -4.34 7.76 -11.95
N THR A 49 -5.12 6.74 -11.76
CA THR A 49 -6.07 6.64 -10.70
C THR A 49 -5.36 6.44 -9.34
N GLU A 50 -5.70 7.22 -8.33
CA GLU A 50 -5.18 6.94 -7.01
C GLU A 50 -6.28 6.27 -6.19
N LEU A 51 -5.90 5.46 -5.26
CA LEU A 51 -6.84 4.68 -4.49
C LEU A 51 -6.41 4.64 -3.03
N ALA A 52 -7.35 4.63 -2.12
CA ALA A 52 -6.99 4.40 -0.74
C ALA A 52 -7.50 3.05 -0.31
N LEU A 53 -6.66 2.32 0.36
CA LEU A 53 -6.97 1.00 0.85
C LEU A 53 -6.34 0.80 2.24
N LYS A 54 -6.60 -0.34 2.84
CA LYS A 54 -5.99 -0.65 4.12
C LYS A 54 -4.58 -1.24 3.96
N GLU A 55 -3.86 -1.33 5.07
CA GLU A 55 -2.50 -1.91 5.11
C GLU A 55 -2.52 -3.35 4.66
N SER A 56 -3.62 -4.00 4.94
CA SER A 56 -3.77 -5.41 4.70
C SER A 56 -4.01 -5.70 3.21
N ASP A 57 -4.14 -4.65 2.42
CA ASP A 57 -4.31 -4.78 0.99
C ASP A 57 -3.03 -4.40 0.27
N ILE A 58 -1.98 -4.11 1.03
CA ILE A 58 -0.71 -3.71 0.45
C ILE A 58 0.37 -4.70 0.81
N ARG A 59 1.22 -4.95 -0.13
CA ARG A 59 2.41 -5.73 0.06
C ARG A 59 3.59 -4.95 -0.50
N LEU A 60 4.80 -5.37 -0.22
CA LEU A 60 5.96 -4.71 -0.79
C LEU A 60 6.18 -5.25 -2.20
N GLN A 61 7.25 -4.81 -2.83
CA GLN A 61 7.60 -5.27 -4.18
C GLN A 61 7.67 -6.81 -4.28
N SER A 62 8.13 -7.46 -3.22
CA SER A 62 8.14 -8.89 -3.12
C SER A 62 8.28 -9.27 -1.63
N SER A 63 9.46 -9.07 -1.10
CA SER A 63 9.70 -9.31 0.30
C SER A 63 10.53 -8.16 0.86
N PHE A 64 11.76 -8.05 0.36
CA PHE A 64 12.68 -6.93 0.60
C PHE A 64 13.10 -6.79 2.10
N LYS A 65 12.86 -7.80 2.90
CA LYS A 65 13.20 -7.71 4.28
C LYS A 65 13.90 -8.97 4.77
N GLN A 66 15.19 -8.85 4.95
CA GLN A 66 16.02 -9.93 5.42
C GLN A 66 17.32 -9.35 5.93
N GLY A 1 9.03 -12.69 12.34
CA GLY A 1 8.90 -12.40 13.78
C GLY A 1 9.00 -10.92 14.03
N ALA A 2 8.21 -10.43 14.95
CA ALA A 2 8.22 -9.02 15.27
C ALA A 2 9.42 -8.70 16.13
N MET A 3 10.09 -7.63 15.80
CA MET A 3 11.25 -7.20 16.54
C MET A 3 11.15 -5.74 16.91
N GLY A 4 10.63 -4.91 16.02
CA GLY A 4 10.43 -3.54 16.39
C GLY A 4 10.32 -2.55 15.25
N MET A 5 9.12 -2.39 14.73
CA MET A 5 8.81 -1.34 13.76
C MET A 5 7.80 -0.35 14.36
N PRO A 6 8.28 0.76 14.94
CA PRO A 6 7.40 1.80 15.50
C PRO A 6 7.00 2.82 14.41
N ASN A 7 7.58 2.64 13.25
CA ASN A 7 7.29 3.47 12.12
C ASN A 7 6.01 2.97 11.46
N ARG A 8 5.46 3.75 10.56
CA ARG A 8 4.24 3.41 9.91
C ARG A 8 4.46 2.15 9.06
N LYS A 9 3.41 1.31 8.98
CA LYS A 9 3.45 0.00 8.31
C LYS A 9 4.12 0.12 6.94
N TYR A 10 3.67 1.11 6.20
CA TYR A 10 4.27 1.47 4.94
C TYR A 10 4.55 2.95 5.01
N ALA A 11 5.71 3.35 4.57
CA ALA A 11 6.09 4.74 4.60
C ALA A 11 5.61 5.41 3.33
N ASP A 12 5.31 6.68 3.43
CA ASP A 12 4.77 7.46 2.34
C ASP A 12 5.83 7.84 1.32
N GLY A 13 5.48 7.70 0.04
CA GLY A 13 6.35 8.03 -1.06
C GLY A 13 6.98 6.80 -1.70
N GLU A 14 6.88 5.68 -1.01
CA GLU A 14 7.51 4.43 -1.43
C GLU A 14 6.71 3.71 -2.53
N VAL A 15 7.35 2.87 -3.32
CA VAL A 15 6.60 2.06 -4.26
C VAL A 15 6.23 0.74 -3.56
N VAL A 16 4.98 0.39 -3.61
CA VAL A 16 4.48 -0.81 -2.95
C VAL A 16 3.58 -1.56 -3.90
N MET A 17 3.16 -2.74 -3.55
CA MET A 17 2.20 -3.43 -4.36
C MET A 17 0.90 -3.52 -3.62
N GLY A 18 -0.17 -3.20 -4.25
CA GLY A 18 -1.43 -3.20 -3.60
C GLY A 18 -2.43 -4.05 -4.32
N ARG A 19 -3.29 -4.66 -3.56
CA ARG A 19 -4.35 -5.47 -4.07
C ARG A 19 -5.47 -4.57 -4.51
N TRP A 20 -5.99 -4.80 -5.70
CA TRP A 20 -7.11 -4.04 -6.15
C TRP A 20 -8.30 -4.43 -5.28
N PRO A 21 -8.96 -3.45 -4.62
CA PRO A 21 -10.03 -3.69 -3.65
C PRO A 21 -11.10 -4.68 -4.11
N GLY A 22 -11.12 -5.84 -3.49
CA GLY A 22 -12.11 -6.85 -3.82
C GLY A 22 -11.61 -7.87 -4.82
N SER A 23 -10.61 -7.50 -5.58
CA SER A 23 -10.07 -8.36 -6.60
C SER A 23 -8.82 -9.07 -6.04
N VAL A 24 -8.26 -9.98 -6.81
CA VAL A 24 -7.06 -10.69 -6.37
C VAL A 24 -5.82 -10.11 -7.09
N LEU A 25 -6.10 -9.27 -8.05
CA LEU A 25 -5.11 -8.62 -8.86
C LEU A 25 -4.27 -7.66 -8.01
N TYR A 26 -2.98 -7.86 -8.03
CA TYR A 26 -2.05 -6.98 -7.37
C TYR A 26 -1.36 -6.10 -8.36
N TYR A 27 -1.33 -4.85 -8.08
CA TYR A 27 -0.69 -3.87 -8.93
C TYR A 27 0.41 -3.19 -8.18
N GLU A 28 1.33 -2.64 -8.90
CA GLU A 28 2.43 -1.93 -8.30
C GLU A 28 2.05 -0.48 -8.30
N VAL A 29 2.10 0.12 -7.16
CA VAL A 29 1.61 1.46 -6.99
C VAL A 29 2.57 2.27 -6.16
N GLN A 30 2.43 3.56 -6.20
CA GLN A 30 3.28 4.38 -5.36
C GLN A 30 2.43 4.92 -4.25
N VAL A 31 2.88 4.79 -3.02
CA VAL A 31 2.12 5.34 -1.93
C VAL A 31 2.25 6.86 -1.97
N THR A 32 1.13 7.52 -1.95
CA THR A 32 1.10 8.93 -2.19
C THR A 32 0.68 9.69 -0.92
N SER A 33 -0.27 9.15 -0.21
CA SER A 33 -0.75 9.77 0.98
C SER A 33 -1.27 8.66 1.89
N TYR A 34 -1.76 9.03 3.03
CA TYR A 34 -2.20 8.09 4.02
C TYR A 34 -3.11 8.75 5.03
N ASP A 35 -4.25 8.15 5.25
CA ASP A 35 -5.15 8.58 6.28
C ASP A 35 -4.82 7.81 7.52
N ASP A 36 -4.50 8.53 8.56
CA ASP A 36 -4.02 7.94 9.80
C ASP A 36 -5.17 7.33 10.57
N ALA A 37 -6.30 8.04 10.54
CA ALA A 37 -7.48 7.68 11.29
C ALA A 37 -7.99 6.29 10.94
N SER A 38 -8.29 6.08 9.68
CA SER A 38 -8.84 4.83 9.25
C SER A 38 -7.79 3.89 8.66
N HIS A 39 -6.54 4.36 8.61
CA HIS A 39 -5.39 3.57 8.12
C HIS A 39 -5.53 3.30 6.62
N LEU A 40 -5.92 4.33 5.89
CA LEU A 40 -6.13 4.21 4.45
C LEU A 40 -4.96 4.77 3.70
N TYR A 41 -4.33 3.95 2.90
CA TYR A 41 -3.21 4.37 2.14
C TYR A 41 -3.66 4.82 0.80
N THR A 42 -3.35 6.02 0.46
CA THR A 42 -3.69 6.50 -0.82
C THR A 42 -2.49 6.24 -1.71
N VAL A 43 -2.73 5.65 -2.82
CA VAL A 43 -1.68 5.29 -3.72
C VAL A 43 -1.98 5.83 -5.09
N LYS A 44 -0.96 5.97 -5.88
CA LYS A 44 -1.08 6.44 -7.22
C LYS A 44 -0.85 5.26 -8.15
N TYR A 45 -1.72 5.13 -9.13
CA TYR A 45 -1.63 4.11 -10.15
C TYR A 45 -1.00 4.63 -11.41
N LYS A 46 -0.61 3.70 -12.26
CA LYS A 46 0.01 3.95 -13.56
C LYS A 46 -0.96 4.74 -14.46
N ASP A 47 -2.24 4.58 -14.18
CA ASP A 47 -3.31 5.22 -14.94
C ASP A 47 -3.54 6.63 -14.47
N GLY A 48 -2.80 7.05 -13.49
CA GLY A 48 -2.95 8.38 -12.96
C GLY A 48 -3.88 8.41 -11.77
N THR A 49 -4.87 7.54 -11.80
CA THR A 49 -5.88 7.40 -10.78
C THR A 49 -5.26 7.13 -9.41
N GLU A 50 -5.69 7.87 -8.41
CA GLU A 50 -5.26 7.57 -7.07
C GLU A 50 -6.34 6.73 -6.43
N LEU A 51 -5.95 5.88 -5.53
CA LEU A 51 -6.89 5.01 -4.86
C LEU A 51 -6.51 4.93 -3.40
N ALA A 52 -7.47 4.73 -2.53
CA ALA A 52 -7.15 4.48 -1.15
C ALA A 52 -7.47 3.03 -0.85
N LEU A 53 -6.58 2.39 -0.18
CA LEU A 53 -6.74 1.01 0.22
C LEU A 53 -6.20 0.80 1.62
N LYS A 54 -6.52 -0.30 2.23
CA LYS A 54 -6.04 -0.57 3.55
C LYS A 54 -4.64 -1.16 3.51
N GLU A 55 -3.95 -1.12 4.63
CA GLU A 55 -2.61 -1.73 4.74
C GLU A 55 -2.66 -3.24 4.48
N SER A 56 -3.77 -3.88 4.82
CA SER A 56 -3.93 -5.31 4.59
C SER A 56 -4.16 -5.60 3.10
N ASP A 57 -4.30 -4.56 2.30
CA ASP A 57 -4.41 -4.73 0.89
C ASP A 57 -3.07 -4.56 0.25
N ILE A 58 -2.11 -4.06 1.00
CA ILE A 58 -0.79 -3.80 0.45
C ILE A 58 0.18 -4.90 0.79
N ARG A 59 1.04 -5.19 -0.15
CA ARG A 59 2.17 -6.08 0.06
C ARG A 59 3.41 -5.41 -0.47
N LEU A 60 4.53 -5.99 -0.18
CA LEU A 60 5.79 -5.53 -0.72
C LEU A 60 5.97 -6.14 -2.11
N GLN A 61 7.19 -6.12 -2.62
CA GLN A 61 7.54 -6.74 -3.91
C GLN A 61 7.03 -8.19 -4.05
N SER A 62 7.05 -8.91 -2.96
CA SER A 62 6.55 -10.26 -2.90
C SER A 62 6.05 -10.49 -1.48
N SER A 63 6.97 -10.41 -0.55
CA SER A 63 6.72 -10.55 0.85
C SER A 63 7.87 -9.91 1.61
N PHE A 64 7.78 -9.90 2.93
CA PHE A 64 8.78 -9.29 3.78
C PHE A 64 10.01 -10.18 3.85
N LYS A 65 11.11 -9.69 3.36
CA LYS A 65 12.36 -10.41 3.38
C LYS A 65 13.18 -9.93 4.58
N GLN A 66 13.38 -10.82 5.52
CA GLN A 66 14.13 -10.50 6.71
C GLN A 66 15.41 -11.32 6.62
N GLY A 1 0.54 -9.02 5.63
CA GLY A 1 -0.53 -9.37 6.56
C GLY A 1 -0.74 -8.27 7.56
N ALA A 2 -1.63 -8.48 8.51
CA ALA A 2 -1.92 -7.50 9.53
C ALA A 2 -1.71 -8.12 10.90
N MET A 3 -0.87 -7.52 11.69
CA MET A 3 -0.61 -7.99 13.04
C MET A 3 -0.35 -6.83 13.97
N GLY A 4 -1.13 -6.76 15.02
CA GLY A 4 -0.90 -5.78 16.04
C GLY A 4 -1.54 -4.43 15.77
N MET A 5 -0.86 -3.61 15.01
CA MET A 5 -1.26 -2.23 14.79
C MET A 5 -1.14 -1.89 13.33
N PRO A 6 -1.75 -0.79 12.88
CA PRO A 6 -1.39 -0.20 11.60
C PRO A 6 -0.03 0.45 11.82
N ASN A 7 1.01 -0.24 11.45
CA ASN A 7 2.35 0.15 11.88
C ASN A 7 2.95 1.24 11.05
N ARG A 8 2.31 1.57 9.96
CA ARG A 8 2.86 2.37 8.91
C ARG A 8 3.99 1.54 8.35
N LYS A 9 3.58 0.39 7.89
CA LYS A 9 4.45 -0.63 7.37
C LYS A 9 4.97 -0.19 6.01
N TYR A 10 4.26 0.73 5.44
CA TYR A 10 4.59 1.28 4.18
C TYR A 10 4.72 2.76 4.40
N ALA A 11 5.70 3.34 3.79
CA ALA A 11 6.01 4.76 3.97
C ALA A 11 5.12 5.64 3.08
N ASP A 12 5.60 6.81 2.72
CA ASP A 12 4.90 7.68 1.79
C ASP A 12 5.83 7.99 0.64
N GLY A 13 5.38 7.71 -0.56
CA GLY A 13 6.19 7.87 -1.75
C GLY A 13 6.86 6.56 -2.13
N GLU A 14 6.68 5.56 -1.29
CA GLU A 14 7.27 4.26 -1.45
C GLU A 14 6.51 3.46 -2.51
N VAL A 15 7.20 2.77 -3.37
CA VAL A 15 6.50 1.94 -4.30
C VAL A 15 6.30 0.55 -3.66
N VAL A 16 5.07 0.12 -3.68
CA VAL A 16 4.62 -1.12 -3.06
C VAL A 16 3.69 -1.86 -4.02
N MET A 17 3.14 -2.97 -3.58
CA MET A 17 2.10 -3.63 -4.32
C MET A 17 0.82 -3.51 -3.53
N GLY A 18 -0.22 -3.15 -4.16
CA GLY A 18 -1.48 -3.03 -3.47
C GLY A 18 -2.52 -3.79 -4.23
N ARG A 19 -3.40 -4.44 -3.53
CA ARG A 19 -4.41 -5.22 -4.21
C ARG A 19 -5.46 -4.33 -4.81
N TRP A 20 -5.97 -4.71 -5.95
CA TRP A 20 -7.06 -4.00 -6.53
C TRP A 20 -8.31 -4.53 -5.83
N PRO A 21 -9.08 -3.66 -5.14
CA PRO A 21 -10.26 -4.05 -4.33
C PRO A 21 -11.30 -4.89 -5.08
N GLY A 22 -11.34 -4.73 -6.38
CA GLY A 22 -12.29 -5.46 -7.17
C GLY A 22 -11.85 -6.88 -7.42
N SER A 23 -10.56 -7.09 -7.55
CA SER A 23 -10.03 -8.38 -7.88
C SER A 23 -9.25 -8.95 -6.69
N VAL A 24 -8.46 -9.96 -6.93
CA VAL A 24 -7.63 -10.53 -5.89
C VAL A 24 -6.16 -10.31 -6.23
N LEU A 25 -5.92 -9.50 -7.24
CA LEU A 25 -4.59 -9.28 -7.71
C LEU A 25 -3.93 -8.08 -7.09
N TYR A 26 -2.64 -8.20 -6.89
CA TYR A 26 -1.84 -7.15 -6.37
C TYR A 26 -1.11 -6.48 -7.49
N TYR A 27 -1.27 -5.20 -7.60
CA TYR A 27 -0.67 -4.41 -8.64
C TYR A 27 0.35 -3.49 -8.02
N GLU A 28 1.30 -3.06 -8.79
CA GLU A 28 2.34 -2.21 -8.30
C GLU A 28 1.81 -0.78 -8.22
N VAL A 29 1.93 -0.18 -7.06
CA VAL A 29 1.40 1.13 -6.81
C VAL A 29 2.42 1.96 -6.07
N GLN A 30 2.22 3.24 -6.06
CA GLN A 30 3.07 4.07 -5.28
C GLN A 30 2.23 4.61 -4.16
N VAL A 31 2.68 4.48 -2.94
CA VAL A 31 1.97 5.07 -1.84
C VAL A 31 2.17 6.57 -1.88
N THR A 32 1.16 7.34 -1.67
CA THR A 32 1.36 8.75 -1.71
C THR A 32 0.95 9.42 -0.40
N SER A 33 -0.16 9.00 0.19
CA SER A 33 -0.65 9.67 1.38
C SER A 33 -1.16 8.66 2.40
N TYR A 34 -0.91 8.91 3.67
CA TYR A 34 -1.36 8.03 4.71
C TYR A 34 -2.38 8.72 5.62
N ASP A 35 -3.53 8.11 5.74
CA ASP A 35 -4.55 8.58 6.65
C ASP A 35 -4.41 7.80 7.93
N ASP A 36 -4.23 8.50 9.01
CA ASP A 36 -3.96 7.88 10.29
C ASP A 36 -5.23 7.76 11.14
N ALA A 37 -6.23 8.56 10.80
CA ALA A 37 -7.45 8.58 11.58
C ALA A 37 -8.34 7.40 11.26
N SER A 38 -8.62 7.21 10.01
CA SER A 38 -9.48 6.15 9.58
C SER A 38 -8.64 4.96 9.08
N HIS A 39 -7.32 5.13 9.09
CA HIS A 39 -6.37 4.10 8.65
C HIS A 39 -6.56 3.73 7.16
N LEU A 40 -6.03 4.57 6.29
CA LEU A 40 -6.05 4.35 4.84
C LEU A 40 -4.75 4.80 4.23
N TYR A 41 -4.37 4.17 3.15
CA TYR A 41 -3.21 4.54 2.40
C TYR A 41 -3.66 4.89 1.02
N THR A 42 -3.47 6.10 0.63
CA THR A 42 -3.79 6.50 -0.69
C THR A 42 -2.58 6.19 -1.53
N VAL A 43 -2.81 5.50 -2.60
CA VAL A 43 -1.80 5.07 -3.50
C VAL A 43 -2.16 5.54 -4.89
N LYS A 44 -1.19 5.59 -5.75
CA LYS A 44 -1.39 6.04 -7.08
C LYS A 44 -0.92 4.99 -8.06
N TYR A 45 -1.71 4.75 -9.06
CA TYR A 45 -1.38 3.82 -10.12
C TYR A 45 -0.76 4.57 -11.27
N LYS A 46 -0.03 3.85 -12.10
CA LYS A 46 0.61 4.41 -13.28
C LYS A 46 -0.44 4.98 -14.24
N ASP A 47 -1.64 4.44 -14.14
CA ASP A 47 -2.77 4.83 -15.00
C ASP A 47 -3.37 6.17 -14.54
N GLY A 48 -2.81 6.73 -13.47
CA GLY A 48 -3.23 8.01 -12.98
C GLY A 48 -4.17 7.91 -11.81
N THR A 49 -5.06 6.94 -11.89
CA THR A 49 -6.04 6.65 -10.87
C THR A 49 -5.39 6.44 -9.50
N GLU A 50 -5.99 7.02 -8.49
CA GLU A 50 -5.51 6.91 -7.16
C GLU A 50 -6.53 6.13 -6.37
N LEU A 51 -6.09 5.42 -5.40
CA LEU A 51 -6.95 4.58 -4.63
C LEU A 51 -6.58 4.67 -3.17
N ALA A 52 -7.53 4.58 -2.28
CA ALA A 52 -7.18 4.45 -0.89
C ALA A 52 -7.53 3.04 -0.46
N LEU A 53 -6.62 2.43 0.23
CA LEU A 53 -6.81 1.07 0.77
C LEU A 53 -6.19 0.91 2.15
N LYS A 54 -6.43 -0.20 2.78
CA LYS A 54 -5.88 -0.50 4.08
C LYS A 54 -4.44 -1.03 3.93
N GLU A 55 -3.63 -0.90 4.98
CA GLU A 55 -2.24 -1.40 5.02
C GLU A 55 -2.20 -2.91 4.81
N SER A 56 -3.22 -3.55 5.28
CA SER A 56 -3.31 -4.98 5.28
C SER A 56 -3.64 -5.50 3.87
N ASP A 57 -4.01 -4.58 3.00
CA ASP A 57 -4.41 -4.92 1.67
C ASP A 57 -3.24 -4.57 0.73
N ILE A 58 -2.11 -4.18 1.34
CA ILE A 58 -0.91 -3.82 0.63
C ILE A 58 0.16 -4.88 0.88
N ARG A 59 1.00 -5.08 -0.07
CA ARG A 59 2.07 -6.02 -0.01
C ARG A 59 3.37 -5.34 -0.45
N LEU A 60 4.50 -5.88 -0.06
CA LEU A 60 5.81 -5.39 -0.46
C LEU A 60 5.95 -5.52 -2.00
N GLN A 61 6.96 -4.83 -2.59
CA GLN A 61 7.21 -4.85 -4.06
C GLN A 61 7.24 -6.24 -4.66
N SER A 62 7.68 -7.18 -3.89
CA SER A 62 7.70 -8.54 -4.32
C SER A 62 7.37 -9.48 -3.17
N SER A 63 7.82 -9.11 -1.93
CA SER A 63 7.61 -9.94 -0.74
C SER A 63 8.32 -11.28 -1.00
N PHE A 64 9.42 -11.16 -1.70
CA PHE A 64 10.18 -12.25 -2.23
C PHE A 64 10.84 -13.05 -1.13
N LYS A 65 10.85 -14.35 -1.31
CA LYS A 65 11.47 -15.23 -0.37
C LYS A 65 12.98 -15.16 -0.56
N GLN A 66 13.66 -14.75 0.45
CA GLN A 66 15.08 -14.70 0.45
C GLN A 66 15.62 -15.57 1.56
N GLY A 1 21.02 -1.32 8.04
CA GLY A 1 20.17 -1.97 7.04
C GLY A 1 18.72 -1.79 7.40
N ALA A 2 17.85 -2.22 6.52
CA ALA A 2 16.43 -2.08 6.74
C ALA A 2 15.79 -3.43 6.99
N MET A 3 15.49 -3.69 8.23
CA MET A 3 14.83 -4.92 8.61
C MET A 3 13.36 -4.66 8.88
N GLY A 4 13.05 -3.43 9.23
CA GLY A 4 11.70 -3.06 9.51
C GLY A 4 11.60 -1.57 9.64
N MET A 5 10.52 -1.10 10.18
CA MET A 5 10.29 0.30 10.42
C MET A 5 9.06 0.45 11.27
N PRO A 6 9.21 0.96 12.51
CA PRO A 6 8.09 1.15 13.43
C PRO A 6 7.07 2.16 12.89
N ASN A 7 5.86 2.07 13.41
CA ASN A 7 4.72 2.93 13.03
C ASN A 7 4.18 2.52 11.68
N ARG A 8 4.70 3.13 10.63
CA ARG A 8 4.35 2.81 9.28
C ARG A 8 5.61 2.78 8.46
N LYS A 9 5.85 1.70 7.77
CA LYS A 9 6.99 1.60 6.90
C LYS A 9 6.64 2.25 5.58
N TYR A 10 5.37 2.19 5.26
CA TYR A 10 4.88 2.69 4.01
C TYR A 10 4.54 4.15 4.14
N ALA A 11 5.56 4.94 4.16
CA ALA A 11 5.43 6.36 4.22
C ALA A 11 5.29 6.85 2.81
N ASP A 12 4.62 7.98 2.62
CA ASP A 12 4.34 8.56 1.29
C ASP A 12 5.60 8.57 0.42
N GLY A 13 5.51 7.95 -0.72
CA GLY A 13 6.63 7.83 -1.61
C GLY A 13 7.13 6.39 -1.72
N GLU A 14 6.68 5.52 -0.83
CA GLU A 14 7.10 4.13 -0.85
C GLU A 14 6.38 3.40 -1.97
N VAL A 15 7.09 2.58 -2.71
CA VAL A 15 6.46 1.81 -3.74
C VAL A 15 6.11 0.44 -3.17
N VAL A 16 4.89 0.05 -3.31
CA VAL A 16 4.40 -1.21 -2.78
C VAL A 16 3.54 -1.93 -3.80
N MET A 17 3.03 -3.06 -3.42
CA MET A 17 2.06 -3.74 -4.22
C MET A 17 0.75 -3.67 -3.49
N GLY A 18 -0.28 -3.33 -4.17
CA GLY A 18 -1.53 -3.18 -3.50
C GLY A 18 -2.69 -3.74 -4.30
N ARG A 19 -3.59 -4.34 -3.58
CA ARG A 19 -4.78 -4.97 -4.10
C ARG A 19 -5.81 -3.94 -4.51
N TRP A 20 -6.35 -4.08 -5.68
CA TRP A 20 -7.43 -3.24 -6.08
C TRP A 20 -8.70 -3.89 -5.55
N PRO A 21 -9.48 -3.16 -4.74
CA PRO A 21 -10.69 -3.68 -4.12
C PRO A 21 -11.72 -4.18 -5.14
N GLY A 22 -11.86 -5.48 -5.22
CA GLY A 22 -12.80 -6.08 -6.13
C GLY A 22 -12.11 -6.81 -7.26
N SER A 23 -10.94 -6.34 -7.65
CA SER A 23 -10.24 -6.95 -8.77
C SER A 23 -9.33 -8.09 -8.30
N VAL A 24 -9.16 -8.20 -6.98
CA VAL A 24 -8.41 -9.28 -6.30
C VAL A 24 -6.88 -9.12 -6.44
N LEU A 25 -6.48 -8.63 -7.56
CA LEU A 25 -5.09 -8.50 -7.91
C LEU A 25 -4.36 -7.46 -7.15
N TYR A 26 -3.10 -7.72 -6.97
CA TYR A 26 -2.16 -6.82 -6.35
C TYR A 26 -1.26 -6.29 -7.43
N TYR A 27 -1.34 -5.02 -7.66
CA TYR A 27 -0.53 -4.40 -8.69
C TYR A 27 0.54 -3.58 -8.01
N GLU A 28 1.46 -3.06 -8.77
CA GLU A 28 2.50 -2.22 -8.21
C GLU A 28 1.96 -0.80 -8.12
N VAL A 29 2.03 -0.23 -6.94
CA VAL A 29 1.47 1.08 -6.66
C VAL A 29 2.48 1.89 -5.88
N GLN A 30 2.30 3.18 -5.80
CA GLN A 30 3.18 3.94 -4.95
C GLN A 30 2.34 4.74 -3.98
N VAL A 31 2.68 4.69 -2.71
CA VAL A 31 1.90 5.35 -1.69
C VAL A 31 2.02 6.85 -1.79
N THR A 32 0.92 7.49 -1.81
CA THR A 32 0.81 8.90 -2.01
C THR A 32 0.48 9.62 -0.70
N SER A 33 -0.37 9.02 0.11
CA SER A 33 -0.78 9.60 1.37
C SER A 33 -1.25 8.49 2.30
N TYR A 34 -1.33 8.75 3.57
CA TYR A 34 -1.81 7.77 4.52
C TYR A 34 -2.70 8.42 5.54
N ASP A 35 -3.92 7.98 5.59
CA ASP A 35 -4.84 8.47 6.58
C ASP A 35 -4.74 7.58 7.78
N ASP A 36 -4.44 8.15 8.90
CA ASP A 36 -4.22 7.38 10.11
C ASP A 36 -5.46 7.44 10.98
N ALA A 37 -6.45 8.16 10.53
CA ALA A 37 -7.68 8.27 11.25
C ALA A 37 -8.56 7.06 10.97
N SER A 38 -8.80 6.81 9.71
CA SER A 38 -9.59 5.67 9.32
C SER A 38 -8.66 4.51 8.89
N HIS A 39 -7.37 4.79 8.92
CA HIS A 39 -6.31 3.84 8.55
C HIS A 39 -6.41 3.34 7.11
N LEU A 40 -6.15 4.22 6.17
CA LEU A 40 -6.15 3.88 4.75
C LEU A 40 -4.89 4.43 4.10
N TYR A 41 -4.26 3.64 3.29
CA TYR A 41 -3.10 4.05 2.58
C TYR A 41 -3.55 4.45 1.21
N THR A 42 -3.37 5.67 0.87
CA THR A 42 -3.74 6.12 -0.42
C THR A 42 -2.53 6.02 -1.31
N VAL A 43 -2.71 5.42 -2.43
CA VAL A 43 -1.62 5.18 -3.33
C VAL A 43 -2.03 5.67 -4.70
N LYS A 44 -1.09 5.94 -5.53
CA LYS A 44 -1.38 6.27 -6.87
C LYS A 44 -0.93 5.15 -7.76
N TYR A 45 -1.77 4.81 -8.71
CA TYR A 45 -1.47 3.81 -9.68
C TYR A 45 -0.82 4.41 -10.87
N LYS A 46 -0.07 3.61 -11.55
CA LYS A 46 0.59 3.94 -12.81
C LYS A 46 -0.46 4.29 -13.88
N ASP A 47 -1.68 3.82 -13.65
CA ASP A 47 -2.80 4.06 -14.55
C ASP A 47 -3.37 5.48 -14.36
N GLY A 48 -2.77 6.23 -13.44
CA GLY A 48 -3.16 7.60 -13.21
C GLY A 48 -4.06 7.76 -12.01
N THR A 49 -4.98 6.86 -11.88
CA THR A 49 -5.96 6.87 -10.82
C THR A 49 -5.32 6.52 -9.46
N GLU A 50 -5.67 7.26 -8.44
CA GLU A 50 -5.24 6.96 -7.12
C GLU A 50 -6.30 6.13 -6.41
N LEU A 51 -5.88 5.34 -5.46
CA LEU A 51 -6.75 4.45 -4.75
C LEU A 51 -6.39 4.48 -3.27
N ALA A 52 -7.35 4.28 -2.41
CA ALA A 52 -7.06 4.11 -1.03
C ALA A 52 -7.34 2.67 -0.68
N LEU A 53 -6.45 2.07 0.03
CA LEU A 53 -6.57 0.69 0.41
C LEU A 53 -6.09 0.45 1.83
N LYS A 54 -6.39 -0.69 2.37
CA LYS A 54 -5.96 -1.06 3.70
C LYS A 54 -4.55 -1.64 3.69
N GLU A 55 -3.95 -1.79 4.86
CA GLU A 55 -2.65 -2.45 4.99
C GLU A 55 -2.76 -3.90 4.51
N SER A 56 -3.93 -4.47 4.67
CA SER A 56 -4.25 -5.82 4.27
C SER A 56 -4.27 -5.96 2.75
N ASP A 57 -4.25 -4.83 2.08
CA ASP A 57 -4.26 -4.79 0.64
C ASP A 57 -2.87 -4.54 0.14
N ILE A 58 -1.93 -4.43 1.04
CA ILE A 58 -0.59 -4.11 0.65
C ILE A 58 0.36 -5.26 0.85
N ARG A 59 1.17 -5.49 -0.16
CA ARG A 59 2.26 -6.45 -0.12
C ARG A 59 3.51 -5.76 -0.62
N LEU A 60 4.65 -6.24 -0.25
CA LEU A 60 5.87 -5.72 -0.82
C LEU A 60 6.14 -6.42 -2.15
N GLN A 61 7.06 -5.88 -2.92
CA GLN A 61 7.37 -6.36 -4.29
C GLN A 61 7.67 -7.87 -4.36
N SER A 62 8.29 -8.38 -3.34
CA SER A 62 8.64 -9.79 -3.34
C SER A 62 7.87 -10.54 -2.24
N SER A 63 6.80 -9.90 -1.70
CA SER A 63 6.07 -10.43 -0.54
C SER A 63 7.06 -10.75 0.58
N PHE A 64 7.58 -9.69 1.16
CA PHE A 64 8.72 -9.73 2.07
C PHE A 64 8.43 -10.47 3.38
N LYS A 65 7.28 -10.16 4.01
CA LYS A 65 6.90 -10.69 5.36
C LYS A 65 7.77 -10.07 6.45
N GLN A 66 7.31 -10.10 7.69
CA GLN A 66 8.08 -9.53 8.77
C GLN A 66 8.71 -10.66 9.57
N GLY A 1 5.76 -12.15 14.85
CA GLY A 1 6.67 -11.16 15.43
C GLY A 1 5.86 -10.13 16.17
N ALA A 2 6.46 -8.99 16.45
CA ALA A 2 5.75 -7.93 17.11
C ALA A 2 4.94 -7.15 16.09
N MET A 3 3.70 -7.54 15.92
CA MET A 3 2.83 -6.90 14.97
C MET A 3 2.12 -5.74 15.60
N GLY A 4 2.09 -4.64 14.89
CA GLY A 4 1.45 -3.45 15.36
C GLY A 4 1.84 -2.32 14.46
N MET A 5 1.43 -1.12 14.81
CA MET A 5 1.79 0.05 14.03
C MET A 5 2.46 1.09 14.90
N PRO A 6 3.80 1.09 14.93
CA PRO A 6 4.57 2.09 15.67
C PRO A 6 4.67 3.39 14.88
N ASN A 7 4.58 3.27 13.59
CA ASN A 7 4.66 4.36 12.65
C ASN A 7 4.11 3.78 11.37
N ARG A 8 4.04 4.57 10.33
CA ARG A 8 3.58 4.12 9.05
C ARG A 8 4.65 3.23 8.44
N LYS A 9 4.30 2.01 8.08
CA LYS A 9 5.22 1.10 7.42
C LYS A 9 5.50 1.69 6.06
N TYR A 10 4.44 1.93 5.33
CA TYR A 10 4.58 2.45 4.01
C TYR A 10 4.60 3.96 4.08
N ALA A 11 5.78 4.52 4.11
CA ALA A 11 5.90 5.95 4.12
C ALA A 11 5.74 6.41 2.70
N ASP A 12 5.22 7.60 2.52
CA ASP A 12 4.90 8.08 1.19
C ASP A 12 6.12 8.19 0.30
N GLY A 13 6.01 7.57 -0.86
CA GLY A 13 7.09 7.50 -1.79
C GLY A 13 7.56 6.06 -1.99
N GLU A 14 7.14 5.15 -1.11
CA GLU A 14 7.54 3.76 -1.22
C GLU A 14 6.73 3.09 -2.32
N VAL A 15 7.37 2.30 -3.16
CA VAL A 15 6.64 1.58 -4.16
C VAL A 15 6.32 0.19 -3.63
N VAL A 16 5.07 -0.17 -3.69
CA VAL A 16 4.58 -1.42 -3.14
C VAL A 16 3.63 -2.11 -4.10
N MET A 17 3.08 -3.22 -3.67
CA MET A 17 2.09 -3.90 -4.44
C MET A 17 0.79 -3.74 -3.70
N GLY A 18 -0.23 -3.37 -4.39
CA GLY A 18 -1.49 -3.17 -3.76
C GLY A 18 -2.55 -3.92 -4.48
N ARG A 19 -3.45 -4.48 -3.75
CA ARG A 19 -4.52 -5.24 -4.31
C ARG A 19 -5.69 -4.33 -4.62
N TRP A 20 -6.27 -4.51 -5.77
CA TRP A 20 -7.40 -3.72 -6.17
C TRP A 20 -8.60 -4.16 -5.30
N PRO A 21 -9.21 -3.22 -4.54
CA PRO A 21 -10.28 -3.50 -3.57
C PRO A 21 -11.43 -4.33 -4.14
N GLY A 22 -11.58 -5.52 -3.61
CA GLY A 22 -12.64 -6.42 -4.01
C GLY A 22 -12.11 -7.56 -4.85
N SER A 23 -11.08 -7.28 -5.58
CA SER A 23 -10.47 -8.21 -6.47
C SER A 23 -9.30 -8.89 -5.77
N VAL A 24 -8.69 -9.85 -6.42
CA VAL A 24 -7.51 -10.50 -5.85
C VAL A 24 -6.26 -10.01 -6.60
N LEU A 25 -6.49 -9.17 -7.58
CA LEU A 25 -5.44 -8.66 -8.40
C LEU A 25 -4.56 -7.66 -7.71
N TYR A 26 -3.29 -7.86 -7.90
CA TYR A 26 -2.28 -6.99 -7.35
C TYR A 26 -1.65 -6.17 -8.44
N TYR A 27 -1.46 -4.92 -8.16
CA TYR A 27 -0.86 -3.99 -9.06
C TYR A 27 0.25 -3.27 -8.34
N GLU A 28 1.17 -2.74 -9.09
CA GLU A 28 2.27 -2.02 -8.52
C GLU A 28 1.84 -0.58 -8.33
N VAL A 29 1.98 -0.10 -7.12
CA VAL A 29 1.51 1.23 -6.80
C VAL A 29 2.56 1.95 -6.02
N GLN A 30 2.46 3.25 -5.93
CA GLN A 30 3.38 3.97 -5.11
C GLN A 30 2.58 4.74 -4.08
N VAL A 31 2.97 4.62 -2.84
CA VAL A 31 2.24 5.24 -1.75
C VAL A 31 2.37 6.76 -1.79
N THR A 32 1.26 7.42 -1.67
CA THR A 32 1.18 8.83 -1.83
C THR A 32 0.71 9.55 -0.54
N SER A 33 -0.23 8.95 0.18
CA SER A 33 -0.75 9.54 1.43
C SER A 33 -1.34 8.43 2.29
N TYR A 34 -1.71 8.72 3.53
CA TYR A 34 -2.28 7.71 4.43
C TYR A 34 -3.16 8.34 5.50
N ASP A 35 -4.30 7.72 5.73
CA ASP A 35 -5.19 8.08 6.82
C ASP A 35 -4.87 7.11 7.93
N ASP A 36 -4.50 7.65 9.06
CA ASP A 36 -3.97 6.84 10.17
C ASP A 36 -5.07 6.22 10.97
N ALA A 37 -6.23 6.83 10.92
CA ALA A 37 -7.35 6.39 11.71
C ALA A 37 -8.03 5.17 11.08
N SER A 38 -8.37 5.27 9.83
CA SER A 38 -9.09 4.19 9.19
C SER A 38 -8.16 3.22 8.46
N HIS A 39 -6.85 3.52 8.49
CA HIS A 39 -5.79 2.68 7.87
C HIS A 39 -5.87 2.73 6.35
N LEU A 40 -6.11 3.90 5.80
CA LEU A 40 -6.28 4.03 4.34
C LEU A 40 -5.06 4.65 3.69
N TYR A 41 -4.40 3.91 2.85
CA TYR A 41 -3.26 4.41 2.13
C TYR A 41 -3.72 4.86 0.80
N THR A 42 -3.43 6.07 0.45
CA THR A 42 -3.71 6.54 -0.84
C THR A 42 -2.47 6.27 -1.64
N VAL A 43 -2.63 5.66 -2.75
CA VAL A 43 -1.52 5.34 -3.58
C VAL A 43 -1.81 5.84 -4.96
N LYS A 44 -0.79 6.05 -5.73
CA LYS A 44 -0.97 6.42 -7.09
C LYS A 44 -0.67 5.23 -7.96
N TYR A 45 -1.54 5.01 -8.91
CA TYR A 45 -1.38 3.98 -9.90
C TYR A 45 -0.71 4.54 -11.11
N LYS A 46 -0.07 3.67 -11.87
CA LYS A 46 0.60 4.05 -13.10
C LYS A 46 -0.42 4.62 -14.10
N ASP A 47 -1.67 4.25 -13.90
CA ASP A 47 -2.81 4.72 -14.68
C ASP A 47 -3.11 6.22 -14.38
N GLY A 48 -2.35 6.81 -13.47
CA GLY A 48 -2.49 8.22 -13.13
C GLY A 48 -3.48 8.43 -12.02
N THR A 49 -4.36 7.49 -11.86
CA THR A 49 -5.42 7.51 -10.88
C THR A 49 -4.87 7.16 -9.47
N GLU A 50 -5.24 7.93 -8.46
CA GLU A 50 -4.91 7.57 -7.10
C GLU A 50 -6.09 6.81 -6.54
N LEU A 51 -5.81 5.92 -5.64
CA LEU A 51 -6.83 5.12 -5.00
C LEU A 51 -6.47 5.00 -3.54
N ALA A 52 -7.46 4.87 -2.68
CA ALA A 52 -7.17 4.60 -1.31
C ALA A 52 -7.58 3.18 -0.99
N LEU A 53 -6.72 2.50 -0.31
CA LEU A 53 -6.93 1.13 0.14
C LEU A 53 -6.37 0.92 1.52
N LYS A 54 -6.73 -0.14 2.15
CA LYS A 54 -6.22 -0.42 3.49
C LYS A 54 -4.86 -1.06 3.44
N GLU A 55 -4.13 -1.01 4.56
CA GLU A 55 -2.80 -1.62 4.65
C GLU A 55 -2.87 -3.12 4.39
N SER A 56 -3.99 -3.70 4.77
CA SER A 56 -4.20 -5.13 4.63
C SER A 56 -4.49 -5.52 3.18
N ASP A 57 -4.59 -4.53 2.32
CA ASP A 57 -4.78 -4.75 0.90
C ASP A 57 -3.48 -4.45 0.18
N ILE A 58 -2.46 -4.12 0.96
CA ILE A 58 -1.16 -3.80 0.40
C ILE A 58 -0.17 -4.85 0.81
N ARG A 59 0.76 -5.10 -0.04
CA ARG A 59 1.86 -5.95 0.30
C ARG A 59 3.14 -5.25 -0.14
N LEU A 60 4.27 -5.63 0.42
CA LEU A 60 5.54 -5.17 -0.08
C LEU A 60 5.76 -5.75 -1.48
N GLN A 61 6.80 -5.30 -2.17
CA GLN A 61 7.04 -5.70 -3.56
C GLN A 61 7.04 -7.23 -3.72
N SER A 62 7.58 -7.92 -2.74
CA SER A 62 7.59 -9.36 -2.67
C SER A 62 8.40 -9.76 -1.43
N SER A 63 9.60 -9.24 -1.37
CA SER A 63 10.49 -9.52 -0.28
C SER A 63 10.34 -8.47 0.82
N PHE A 64 11.03 -8.72 1.90
CA PHE A 64 11.14 -7.82 3.02
C PHE A 64 12.52 -8.08 3.57
N LYS A 65 13.10 -7.15 4.29
CA LYS A 65 14.43 -7.37 4.77
C LYS A 65 14.41 -8.26 6.00
N GLN A 66 15.07 -9.35 5.89
CA GLN A 66 15.19 -10.29 6.95
C GLN A 66 16.50 -10.03 7.64
#